data_7SO5
#
_entry.id   7SO5
#
_cell.length_a   61.167
_cell.length_b   110.722
_cell.length_c   83.060
_cell.angle_alpha   90.000
_cell.angle_beta   99.330
_cell.angle_gamma   90.000
#
_symmetry.space_group_name_H-M   'P 1 21 1'
#
loop_
_entity.id
_entity.type
_entity.pdbx_description
1 polymer 'Fab B2 HC'
2 polymer 'Fab B2 LC'
3 polymer 'Toxin B'
4 water water
#
loop_
_entity_poly.entity_id
_entity_poly.type
_entity_poly.pdbx_seq_one_letter_code
_entity_poly.pdbx_strand_id
1 'polypeptide(L)'
;QVQLLQGGAGLLKPSETLSLTCAVYGGSFSEHYWSWIRQPPGKGLEWIGEINYGGNTNYNPSLESRISISVDTSKNQVFL
RVRFVTAADTAVYFCSGGRRAAVHGRTFAIWGQGTMVTVSSASTKGPSVFPLAPGGTAALGCLVKDYFPEPVTVSWNSGA
LTSGVHTFPAVLQSSGLYSLSSVVTVPSSSLGTQTYICNVNHKPSNTKVDKKVEP
;
H
2 'polypeptide(L)'
;DIVMTQSPLSLPVTPGEPASISCRSSQSLLHTNGNNYLVWYLQKPGQAPHLLIYLGSNRASGVPGRFSGSGSGTDFTLKI
SRVEVEDVGVYYCMQSLQTPPTFGQGTKLEIKRTVAAPSVFIFPPSDEQLKSGTASVVCLLNNFYPREAKVQWKVDNALQ
SGNSQESVTEQDSKDSTYSLSSTLTLSKADYEKHKVYACEVTHQGLSSPVTKSFNR
;
L
3 'polypeptide(L)'
;LVNRKQLEKMANVRFRTQEDEYVAILDALEEYHNMSENTVVEKYLKLKDINSLTDIYIDTYKKSGRNKALKKFKEYLVTE
VLELKNNNLTPVEKNLHFVWIGGQINDTAINYINQWKDVNSDYNVNVFYDSNAFLINTLKKTVVESAINDTLESFRENLN
DPRFDYNKFFRKRMEIIYDKQKNFINYYKAQREENPELIIDDIVKTYLSNEYSKEIDELNTYIEESLNKITQNSGNDVRN
FEEFKNGESFNLYEQELVERWNLAAASDILRISALKEIGGMYLDVDMLPGIQPDLFESIEKPSSVTVDFWEMTKLEAIMK
YKEYIPEYTSEHFDMLDEEVQSSFESVLASKSDKSEIFSSLGDMEASPLEVKIAFNSKGIINQGLISVKDSYCSNLIVKQ
IENRYKILNNSLNPAISEDNDFNTTTNTFIDSIMAEANADNGRFMMELGKYLRVGFFPDVKTTINLSGPEAYAAAYQDLL
MFKEGSMNIHLIEADLRNFEISKTNISQSTEQEMASLWSFDDARAKAQFEEYKRNYFEGSL
;
A
#
# COMPACT_ATOMS: atom_id res chain seq x y z
N GLN A 1 1.17 25.61 16.03
CA GLN A 1 -0.11 24.98 16.31
C GLN A 1 -1.23 25.96 16.05
N VAL A 2 -1.89 25.81 14.90
CA VAL A 2 -2.97 26.71 14.52
C VAL A 2 -4.08 26.66 15.56
N GLN A 3 -4.62 27.82 15.90
CA GLN A 3 -5.76 27.91 16.80
C GLN A 3 -6.79 28.85 16.20
N LEU A 4 -8.06 28.45 16.29
CA LEU A 4 -9.19 29.23 15.78
C LEU A 4 -9.94 29.80 16.98
N LEU A 5 -9.86 31.12 17.15
CA LEU A 5 -10.52 31.78 18.28
C LEU A 5 -11.75 32.49 17.74
N GLN A 6 -12.89 32.30 18.38
CA GLN A 6 -14.10 32.82 17.78
C GLN A 6 -14.97 33.49 18.82
N GLY A 7 -15.83 34.37 18.32
CA GLY A 7 -16.73 35.08 19.22
C GLY A 7 -17.79 35.83 18.45
N GLY A 8 -18.66 36.46 19.21
CA GLY A 8 -19.80 37.19 18.69
C GLY A 8 -20.94 37.06 19.66
N ALA A 9 -22.05 37.72 19.33
CA ALA A 9 -23.17 37.76 20.27
C ALA A 9 -23.82 36.38 20.41
N GLY A 10 -24.12 36.00 21.64
CA GLY A 10 -24.76 34.74 21.93
C GLY A 10 -26.27 34.78 21.94
N LEU A 11 -26.85 35.97 21.76
CA LEU A 11 -28.30 36.10 21.81
C LEU A 11 -28.74 37.18 20.84
N LEU A 12 -29.78 36.90 20.06
CA LEU A 12 -30.36 37.95 19.23
C LEU A 12 -31.80 37.58 18.93
N LYS A 13 -32.58 38.61 18.41
CA LYS A 13 -34.01 38.38 18.23
C LYS A 13 -34.30 37.82 16.84
N PRO A 14 -35.41 37.08 16.71
CA PRO A 14 -35.83 36.62 15.38
C PRO A 14 -35.91 37.79 14.41
N SER A 15 -35.58 37.50 13.16
CA SER A 15 -35.49 38.41 12.02
C SER A 15 -34.18 39.21 12.02
N GLU A 16 -33.38 39.20 13.09
CA GLU A 16 -32.14 39.96 13.12
C GLU A 16 -31.02 39.21 12.38
N THR A 17 -29.84 39.83 12.29
CA THR A 17 -28.71 39.26 11.57
C THR A 17 -27.68 38.72 12.55
N LEU A 18 -27.38 37.43 12.45
CA LEU A 18 -26.32 36.83 13.25
C LEU A 18 -24.97 37.22 12.65
N SER A 19 -24.05 37.70 13.49
CA SER A 19 -22.69 37.98 13.05
C SER A 19 -21.69 37.30 13.98
N LEU A 20 -20.77 36.55 13.40
CA LEU A 20 -19.71 35.91 14.18
C LEU A 20 -18.37 36.16 13.53
N THR A 21 -17.33 36.12 14.35
CA THR A 21 -15.97 36.30 13.88
C THR A 21 -15.10 35.15 14.32
N CYS A 22 -14.18 34.74 13.45
CA CYS A 22 -13.19 33.72 13.75
C CYS A 22 -11.82 34.26 13.36
N ALA A 23 -10.84 34.11 14.25
CA ALA A 23 -9.49 34.61 13.99
C ALA A 23 -8.53 33.43 14.04
N VAL A 24 -7.67 33.34 13.03
CA VAL A 24 -6.72 32.25 12.87
C VAL A 24 -5.39 32.68 13.46
N TYR A 25 -4.91 31.93 14.46
CA TYR A 25 -3.64 32.20 15.12
C TYR A 25 -2.72 31.00 15.01
N GLY A 26 -1.43 31.27 14.87
CA GLY A 26 -0.45 30.20 14.91
C GLY A 26 -0.38 29.38 13.65
N GLY A 27 -0.85 29.90 12.52
CA GLY A 27 -0.78 29.15 11.29
C GLY A 27 -1.12 30.01 10.10
N SER A 28 -0.92 29.42 8.91
CA SER A 28 -1.12 30.15 7.66
C SER A 28 -2.60 30.40 7.39
N PHE A 29 -2.92 31.63 7.01
CA PHE A 29 -4.29 31.96 6.63
C PHE A 29 -4.67 31.41 5.25
N SER A 30 -3.72 30.84 4.50
CA SER A 30 -4.06 30.32 3.18
C SER A 30 -4.04 28.79 3.11
N GLU A 31 -3.84 28.10 4.23
CA GLU A 31 -3.62 26.65 4.13
C GLU A 31 -4.89 25.83 4.29
N HIS A 32 -6.04 26.45 4.59
CA HIS A 32 -7.30 25.74 4.79
C HIS A 32 -8.45 26.56 4.21
N TYR A 33 -9.57 25.87 3.95
CA TYR A 33 -10.84 26.54 3.66
C TYR A 33 -11.49 26.94 4.98
N TRP A 34 -11.73 28.23 5.18
CA TRP A 34 -12.29 28.68 6.46
C TRP A 34 -13.80 28.51 6.40
N SER A 35 -14.33 27.68 7.29
CA SER A 35 -15.65 27.09 7.13
C SER A 35 -16.44 27.25 8.41
N TRP A 36 -17.76 27.28 8.28
CA TRP A 36 -18.65 27.36 9.44
C TRP A 36 -19.55 26.12 9.42
N ILE A 37 -19.63 25.46 10.57
CA ILE A 37 -20.41 24.25 10.76
C ILE A 37 -21.18 24.41 12.06
N ARG A 38 -22.50 24.14 12.05
CA ARG A 38 -23.29 24.39 13.23
C ARG A 38 -23.95 23.11 13.74
N GLN A 39 -24.32 23.15 15.01
CA GLN A 39 -24.85 21.98 15.72
C GLN A 39 -26.00 22.47 16.59
N PRO A 40 -27.24 22.27 16.16
CA PRO A 40 -28.38 22.66 16.98
C PRO A 40 -28.44 21.82 18.25
N PRO A 41 -29.15 22.28 19.27
CA PRO A 41 -29.11 21.59 20.57
C PRO A 41 -29.41 20.11 20.46
N GLY A 42 -28.45 19.28 20.87
CA GLY A 42 -28.61 17.84 20.89
C GLY A 42 -28.79 17.19 19.54
N LYS A 43 -28.44 17.88 18.46
CA LYS A 43 -28.57 17.32 17.12
C LYS A 43 -27.18 17.18 16.49
N GLY A 44 -27.16 16.78 15.22
CA GLY A 44 -25.94 16.57 14.47
C GLY A 44 -25.33 17.85 13.93
N LEU A 45 -24.44 17.68 12.97
CA LEU A 45 -23.63 18.75 12.41
C LEU A 45 -24.12 19.13 11.01
N GLU A 46 -24.13 20.42 10.70
CA GLU A 46 -24.55 20.95 9.40
C GLU A 46 -23.54 21.97 8.91
N TRP A 47 -22.93 21.69 7.77
CA TRP A 47 -22.02 22.65 7.15
C TRP A 47 -22.80 23.80 6.54
N ILE A 48 -22.35 25.03 6.82
CA ILE A 48 -23.03 26.24 6.36
C ILE A 48 -22.40 26.79 5.09
N GLY A 49 -21.07 26.80 5.04
CA GLY A 49 -20.39 27.43 3.93
C GLY A 49 -18.91 27.60 4.24
N GLU A 50 -18.20 28.08 3.23
CA GLU A 50 -16.75 28.20 3.31
C GLU A 50 -16.28 29.41 2.53
N ILE A 51 -15.03 29.80 2.77
CA ILE A 51 -14.32 30.77 1.96
C ILE A 51 -12.86 30.34 1.90
N ASN A 52 -12.20 30.63 0.78
CA ASN A 52 -10.77 30.39 0.73
C ASN A 52 -10.03 31.72 0.79
N TYR A 53 -8.70 31.63 0.86
CA TYR A 53 -7.87 32.83 0.95
C TYR A 53 -8.17 33.81 -0.18
N GLY A 54 -8.34 33.31 -1.40
CA GLY A 54 -8.65 34.16 -2.55
C GLY A 54 -10.06 34.70 -2.59
N GLY A 55 -10.89 34.41 -1.59
CA GLY A 55 -12.21 35.00 -1.48
C GLY A 55 -13.34 34.25 -2.13
N ASN A 56 -13.10 33.08 -2.73
CA ASN A 56 -14.19 32.35 -3.35
C ASN A 56 -14.99 31.61 -2.28
N THR A 57 -16.29 31.81 -2.27
CA THR A 57 -17.20 31.21 -1.31
C THR A 57 -17.99 30.08 -1.95
N ASN A 58 -18.43 29.14 -1.10
CA ASN A 58 -19.44 28.14 -1.45
C ASN A 58 -20.34 28.03 -0.24
N TYR A 59 -21.64 28.12 -0.45
CA TYR A 59 -22.61 28.06 0.63
C TYR A 59 -23.51 26.84 0.47
N ASN A 60 -24.04 26.37 1.59
CA ASN A 60 -25.03 25.32 1.58
C ASN A 60 -26.29 25.82 0.89
N PRO A 61 -26.77 25.16 -0.17
CA PRO A 61 -27.97 25.65 -0.88
C PRO A 61 -29.15 25.86 0.05
N SER A 62 -29.24 25.05 1.11
CA SER A 62 -30.31 25.20 2.09
C SER A 62 -30.27 26.54 2.80
N LEU A 63 -29.13 27.22 2.81
CA LEU A 63 -29.01 28.49 3.51
C LEU A 63 -28.48 29.62 2.64
N GLU A 64 -28.18 29.34 1.37
CA GLU A 64 -27.51 30.30 0.50
C GLU A 64 -28.16 31.68 0.51
N SER A 65 -29.49 31.74 0.56
CA SER A 65 -30.14 33.04 0.39
C SER A 65 -29.90 33.97 1.57
N ARG A 66 -29.47 33.45 2.72
CA ARG A 66 -29.32 34.24 3.93
C ARG A 66 -27.89 34.40 4.42
N ILE A 67 -26.93 33.62 3.89
CA ILE A 67 -25.57 33.53 4.44
C ILE A 67 -24.65 34.41 3.63
N SER A 68 -23.67 35.02 4.31
CA SER A 68 -22.51 35.57 3.64
C SER A 68 -21.29 35.30 4.52
N ILE A 69 -20.18 34.96 3.88
CA ILE A 69 -18.91 34.72 4.56
C ILE A 69 -17.86 35.58 3.87
N SER A 70 -17.05 36.27 4.66
CA SER A 70 -16.02 37.14 4.13
C SER A 70 -14.75 37.02 4.97
N VAL A 71 -13.65 37.54 4.43
CA VAL A 71 -12.38 37.51 5.15
C VAL A 71 -11.76 38.89 5.16
N ASP A 72 -10.94 39.12 6.19
CA ASP A 72 -10.02 40.25 6.28
C ASP A 72 -8.62 39.64 6.23
N THR A 73 -8.06 39.60 5.02
CA THR A 73 -6.76 38.98 4.79
C THR A 73 -5.65 39.62 5.59
N SER A 74 -5.80 40.89 6.00
CA SER A 74 -4.76 41.58 6.74
C SER A 74 -4.80 41.28 8.22
N LYS A 75 -5.92 40.80 8.75
CA LYS A 75 -6.07 40.51 10.16
C LYS A 75 -6.36 39.04 10.44
N ASN A 76 -6.26 38.18 9.41
CA ASN A 76 -6.45 36.74 9.57
C ASN A 76 -7.82 36.43 10.17
N GLN A 77 -8.84 37.17 9.73
CA GLN A 77 -10.17 37.05 10.33
C GLN A 77 -11.19 36.61 9.29
N VAL A 78 -12.18 35.85 9.77
CA VAL A 78 -13.26 35.33 8.96
C VAL A 78 -14.58 35.72 9.60
N PHE A 79 -15.53 36.17 8.78
CA PHE A 79 -16.79 36.71 9.28
C PHE A 79 -17.95 35.88 8.73
N LEU A 80 -18.88 35.52 9.60
CA LEU A 80 -20.13 34.89 9.20
C LEU A 80 -21.28 35.83 9.46
N ARG A 81 -22.19 35.94 8.50
CA ARG A 81 -23.45 36.66 8.68
C ARG A 81 -24.59 35.76 8.21
N VAL A 82 -25.65 35.67 9.02
CA VAL A 82 -26.87 34.94 8.67
C VAL A 82 -28.05 35.89 8.88
N ARG A 83 -28.76 36.23 7.78
CA ARG A 83 -29.90 37.14 7.92
C ARG A 83 -31.16 36.42 8.36
N PHE A 84 -32.11 37.24 8.82
CA PHE A 84 -33.48 36.81 9.11
C PHE A 84 -33.51 35.53 9.94
N VAL A 85 -32.85 35.56 11.11
CA VAL A 85 -32.72 34.33 11.86
C VAL A 85 -34.08 33.91 12.41
N THR A 86 -34.27 32.61 12.55
CA THR A 86 -35.39 32.08 13.31
C THR A 86 -34.85 31.17 14.41
N ALA A 87 -35.78 30.60 15.18
CA ALA A 87 -35.39 29.64 16.20
C ALA A 87 -34.66 28.44 15.61
N ALA A 88 -34.88 28.12 14.34
CA ALA A 88 -34.16 27.03 13.69
C ALA A 88 -32.66 27.31 13.53
N ASP A 89 -32.23 28.55 13.73
CA ASP A 89 -30.82 28.93 13.68
C ASP A 89 -30.15 28.90 15.05
N THR A 90 -30.87 28.53 16.11
CA THR A 90 -30.23 28.38 17.41
C THR A 90 -29.27 27.19 17.36
N ALA A 91 -28.01 27.42 17.66
CA ALA A 91 -27.02 26.35 17.53
C ALA A 91 -25.71 26.78 18.12
N VAL A 92 -24.83 25.79 18.30
CA VAL A 92 -23.41 26.07 18.44
C VAL A 92 -22.82 26.22 17.04
N TYR A 93 -22.12 27.32 16.81
CA TYR A 93 -21.48 27.61 15.53
C TYR A 93 -19.99 27.42 15.69
N PHE A 94 -19.41 26.52 14.89
CA PHE A 94 -17.97 26.25 14.90
C PHE A 94 -17.34 26.89 13.68
N CYS A 95 -16.22 27.58 13.86
CA CYS A 95 -15.37 27.82 12.71
C CYS A 95 -14.38 26.68 12.60
N SER A 96 -14.04 26.31 11.36
CA SER A 96 -13.22 25.12 11.12
C SER A 96 -12.34 25.37 9.91
N GLY A 97 -11.14 24.78 9.92
CA GLY A 97 -10.27 24.77 8.76
C GLY A 97 -10.38 23.45 8.01
N GLY A 98 -10.86 23.53 6.76
CA GLY A 98 -11.01 22.35 5.93
C GLY A 98 -9.81 22.17 5.01
N ARG A 99 -9.29 20.95 4.99
CA ARG A 99 -8.39 20.57 3.92
C ARG A 99 -9.20 20.23 2.67
N ARG A 100 -8.54 20.29 1.53
CA ARG A 100 -9.12 19.88 0.27
C ARG A 100 -9.04 18.37 0.13
N ALA A 101 -10.05 17.78 -0.51
CA ALA A 101 -10.01 16.34 -0.79
C ALA A 101 -10.72 16.08 -2.10
N ALA A 102 -10.07 15.34 -3.00
CA ALA A 102 -10.67 14.99 -4.30
C ALA A 102 -11.08 16.24 -5.10
N VAL A 103 -10.34 17.33 -4.93
CA VAL A 103 -10.59 18.65 -5.52
C VAL A 103 -11.80 19.34 -4.90
N HIS A 104 -12.97 18.68 -4.94
CA HIS A 104 -14.24 19.30 -4.58
C HIS A 104 -14.71 18.99 -3.16
N GLY A 105 -14.09 18.04 -2.47
CA GLY A 105 -14.49 17.67 -1.12
C GLY A 105 -13.60 18.30 -0.06
N ARG A 106 -13.98 18.06 1.20
CA ARG A 106 -13.35 18.73 2.35
C ARG A 106 -13.17 17.77 3.51
N THR A 107 -12.19 18.08 4.37
CA THR A 107 -11.90 17.31 5.58
C THR A 107 -11.58 18.33 6.67
N PHE A 108 -12.30 18.28 7.80
CA PHE A 108 -12.15 19.35 8.79
C PHE A 108 -11.13 18.94 9.85
N ALA A 109 -9.88 19.41 9.63
CA ALA A 109 -8.75 19.01 10.46
C ALA A 109 -8.59 19.89 11.70
N ILE A 110 -8.98 21.17 11.64
CA ILE A 110 -8.80 22.07 12.78
C ILE A 110 -10.13 22.76 13.09
N TRP A 111 -10.41 22.94 14.38
CA TRP A 111 -11.70 23.45 14.82
C TRP A 111 -11.54 24.50 15.91
N GLY A 112 -12.38 25.54 15.87
CA GLY A 112 -12.53 26.41 17.01
C GLY A 112 -13.41 25.77 18.09
N GLN A 113 -13.54 26.43 19.24
CA GLN A 113 -14.30 25.79 20.31
C GLN A 113 -15.82 26.03 20.19
N GLY A 114 -16.25 26.87 19.28
CA GLY A 114 -17.69 26.98 19.10
C GLY A 114 -18.26 28.15 19.89
N THR A 115 -19.31 28.77 19.32
CA THR A 115 -20.04 29.86 19.97
C THR A 115 -21.51 29.49 20.00
N MET A 116 -22.10 29.50 21.20
CA MET A 116 -23.52 29.18 21.28
C MET A 116 -24.32 30.43 20.94
N VAL A 117 -25.28 30.28 20.05
CA VAL A 117 -26.11 31.42 19.62
C VAL A 117 -27.56 31.00 19.80
N THR A 118 -28.29 31.76 20.60
CA THR A 118 -29.71 31.54 20.87
C THR A 118 -30.51 32.61 20.15
N VAL A 119 -31.54 32.19 19.43
CA VAL A 119 -32.49 33.10 18.81
C VAL A 119 -33.74 33.10 19.68
N SER A 120 -34.04 34.25 20.27
CA SER A 120 -35.17 34.37 21.17
C SER A 120 -35.49 35.84 21.34
N SER A 121 -36.76 36.12 21.63
CA SER A 121 -37.15 37.48 21.95
C SER A 121 -37.03 37.80 23.45
N ALA A 122 -36.67 36.82 24.26
CA ALA A 122 -36.47 37.06 25.69
C ALA A 122 -35.16 37.81 25.91
N SER A 123 -35.09 38.51 27.03
CA SER A 123 -33.94 39.36 27.32
C SER A 123 -32.95 38.62 28.21
N THR A 124 -31.71 39.09 28.19
CA THR A 124 -30.69 38.51 29.05
C THR A 124 -31.04 38.73 30.51
N LYS A 125 -30.71 37.74 31.34
CA LYS A 125 -30.89 37.83 32.78
C LYS A 125 -29.74 37.11 33.46
N GLY A 126 -29.10 37.76 34.44
CA GLY A 126 -27.99 37.16 35.16
C GLY A 126 -28.46 36.23 36.26
N PRO A 127 -27.67 35.19 36.55
CA PRO A 127 -28.08 34.18 37.53
C PRO A 127 -27.93 34.66 38.98
N SER A 128 -28.75 34.07 39.84
CA SER A 128 -28.48 34.08 41.26
C SER A 128 -27.66 32.85 41.62
N VAL A 129 -26.82 32.97 42.66
CA VAL A 129 -25.96 31.87 43.07
C VAL A 129 -26.22 31.60 44.55
N PHE A 130 -26.69 30.40 44.86
CA PHE A 130 -27.07 30.00 46.19
C PHE A 130 -26.24 28.81 46.67
N PRO A 131 -25.89 28.77 47.95
CA PRO A 131 -25.07 27.67 48.45
C PRO A 131 -25.90 26.41 48.66
N LEU A 132 -25.28 25.27 48.34
CA LEU A 132 -25.78 23.95 48.70
C LEU A 132 -24.85 23.46 49.81
N ALA A 133 -25.19 23.79 51.04
CA ALA A 133 -24.29 23.60 52.16
C ALA A 133 -24.34 22.15 52.65
N PRO A 134 -23.18 21.57 52.99
CA PRO A 134 -23.05 20.27 53.68
C PRO A 134 -23.52 20.34 55.13
N GLY A 135 -21.42 9.85 54.33
CA GLY A 135 -20.49 9.51 55.41
C GLY A 135 -19.08 9.48 54.88
N GLY A 136 -18.10 9.80 55.73
CA GLY A 136 -16.70 9.92 55.32
C GLY A 136 -16.43 10.95 54.23
N THR A 137 -17.25 10.93 53.18
CA THR A 137 -17.23 11.91 52.10
C THR A 137 -18.37 12.89 52.31
N ALA A 138 -18.10 14.18 52.05
CA ALA A 138 -19.12 15.22 52.13
C ALA A 138 -19.37 15.80 50.74
N ALA A 139 -20.62 16.13 50.45
CA ALA A 139 -20.99 16.78 49.20
C ALA A 139 -21.45 18.21 49.49
N LEU A 140 -21.14 19.11 48.59
CA LEU A 140 -21.54 20.51 48.69
C LEU A 140 -21.69 21.04 47.27
N GLY A 141 -22.25 22.24 47.17
CA GLY A 141 -22.38 22.77 45.83
C GLY A 141 -22.92 24.18 45.79
N CYS A 142 -23.22 24.61 44.56
CA CYS A 142 -23.80 25.92 44.30
C CYS A 142 -24.94 25.75 43.33
N LEU A 143 -26.09 26.36 43.65
CA LEU A 143 -27.24 26.40 42.76
C LEU A 143 -27.21 27.70 41.96
N VAL A 144 -27.18 27.59 40.64
CA VAL A 144 -27.04 28.73 39.73
C VAL A 144 -28.37 28.86 39.01
N LYS A 145 -29.19 29.81 39.46
CA LYS A 145 -30.61 29.80 39.12
C LYS A 145 -31.02 31.07 38.38
N ASP A 146 -31.86 30.88 37.37
CA ASP A 146 -32.69 31.93 36.76
C ASP A 146 -31.88 32.85 35.85
N TYR A 147 -31.24 32.28 34.84
CA TYR A 147 -30.42 33.07 33.94
C TYR A 147 -30.86 32.82 32.50
N PHE A 148 -30.49 33.76 31.66
CA PHE A 148 -30.74 33.56 30.24
C PHE A 148 -29.88 34.44 29.33
N PRO A 149 -28.95 33.86 28.61
CA PRO A 149 -29.24 32.80 27.65
C PRO A 149 -28.19 31.76 28.07
N GLU A 150 -28.14 30.58 27.45
CA GLU A 150 -27.16 29.55 27.81
C GLU A 150 -25.74 29.70 27.29
N PRO A 151 -24.86 30.29 28.04
CA PRO A 151 -23.81 29.49 28.68
C PRO A 151 -23.41 30.12 30.00
N VAL A 152 -23.35 29.35 31.09
CA VAL A 152 -22.61 29.78 32.28
C VAL A 152 -21.42 28.84 32.43
N THR A 153 -20.37 29.34 33.08
CA THR A 153 -19.26 28.49 33.49
C THR A 153 -19.15 28.49 35.00
N VAL A 154 -18.80 27.33 35.55
CA VAL A 154 -18.61 27.16 37.00
C VAL A 154 -17.26 26.50 37.21
N SER A 155 -16.46 27.09 38.08
CA SER A 155 -15.22 26.49 38.55
C SER A 155 -15.25 26.52 40.06
N TRP A 156 -14.34 25.78 40.69
CA TRP A 156 -14.29 25.70 42.14
C TRP A 156 -12.89 26.11 42.60
N ASN A 157 -12.84 26.97 43.62
CA ASN A 157 -11.58 27.50 44.13
C ASN A 157 -10.68 28.00 43.00
N SER A 158 -11.30 28.78 42.10
CA SER A 158 -10.61 29.40 40.98
C SER A 158 -9.94 28.40 40.05
N GLY A 159 -10.49 27.18 40.00
CA GLY A 159 -9.97 26.14 39.13
C GLY A 159 -9.02 25.18 39.79
N ALA A 160 -8.65 25.42 41.05
CA ALA A 160 -7.76 24.52 41.77
C ALA A 160 -8.44 23.22 42.17
N LEU A 161 -9.77 23.21 42.31
CA LEU A 161 -10.52 22.02 42.71
C LEU A 161 -11.28 21.51 41.49
N THR A 162 -10.90 20.33 41.00
CA THR A 162 -11.52 19.79 39.80
C THR A 162 -12.03 18.36 39.98
N SER A 163 -11.34 17.56 40.79
CA SER A 163 -11.74 16.17 40.95
C SER A 163 -12.98 16.08 41.81
N GLY A 164 -13.93 15.26 41.38
CA GLY A 164 -15.19 15.11 42.07
C GLY A 164 -16.23 16.17 41.77
N VAL A 165 -15.94 17.10 40.87
CA VAL A 165 -16.90 18.14 40.50
C VAL A 165 -17.85 17.62 39.44
N HIS A 166 -19.14 17.86 39.62
CA HIS A 166 -20.15 17.65 38.57
C HIS A 166 -20.93 18.94 38.41
N THR A 167 -20.81 19.57 37.25
CA THR A 167 -21.62 20.73 36.91
C THR A 167 -22.69 20.23 35.95
N PHE A 168 -23.95 20.24 36.41
CA PHE A 168 -25.01 19.57 35.68
C PHE A 168 -25.40 20.37 34.45
N PRO A 169 -25.87 19.69 33.40
CA PRO A 169 -26.45 20.42 32.27
C PRO A 169 -27.64 21.26 32.73
N ALA A 170 -27.73 22.48 32.19
CA ALA A 170 -28.82 23.38 32.53
C ALA A 170 -30.14 22.82 32.06
N VAL A 171 -31.18 23.11 32.83
CA VAL A 171 -32.56 22.78 32.48
C VAL A 171 -33.32 24.08 32.32
N LEU A 172 -34.20 24.12 31.32
CA LEU A 172 -35.10 25.25 31.15
C LEU A 172 -36.27 25.10 32.11
N GLN A 173 -36.46 26.09 32.98
CA GLN A 173 -37.55 26.03 33.93
C GLN A 173 -38.84 26.44 33.26
N SER A 174 -39.97 26.15 33.93
CA SER A 174 -41.27 26.59 33.43
C SER A 174 -41.29 28.10 33.17
N SER A 175 -40.59 28.88 34.00
CA SER A 175 -40.47 30.32 33.81
C SER A 175 -39.78 30.73 32.51
N GLY A 176 -39.12 29.79 31.81
CA GLY A 176 -38.34 30.14 30.64
C GLY A 176 -36.91 30.53 30.91
N LEU A 177 -36.46 30.44 32.15
CA LEU A 177 -35.08 30.74 32.54
C LEU A 177 -34.36 29.46 32.89
N TYR A 178 -33.04 29.45 32.70
CA TYR A 178 -32.26 28.26 32.96
C TYR A 178 -31.86 28.16 34.42
N SER A 179 -31.60 26.93 34.85
CA SER A 179 -31.05 26.68 36.17
C SER A 179 -30.18 25.45 36.14
N LEU A 180 -29.12 25.47 36.94
CA LEU A 180 -28.29 24.28 37.13
C LEU A 180 -27.65 24.32 38.50
N SER A 181 -27.22 23.14 38.96
CA SER A 181 -26.39 23.02 40.14
C SER A 181 -25.01 22.49 39.75
N SER A 182 -24.00 22.90 40.53
CA SER A 182 -22.65 22.36 40.44
C SER A 182 -22.29 21.83 41.82
N VAL A 183 -21.85 20.58 41.87
CA VAL A 183 -21.58 19.91 43.13
C VAL A 183 -20.16 19.36 43.11
N VAL A 184 -19.61 19.14 44.31
CA VAL A 184 -18.29 18.54 44.46
C VAL A 184 -18.32 17.69 45.71
N THR A 185 -17.63 16.55 45.69
CA THR A 185 -17.49 15.74 46.90
C THR A 185 -16.09 15.90 47.43
N VAL A 186 -15.98 16.08 48.75
CA VAL A 186 -14.70 16.32 49.41
C VAL A 186 -14.66 15.47 50.67
N PRO A 187 -13.46 15.24 51.20
CA PRO A 187 -13.36 14.51 52.48
C PRO A 187 -14.07 15.28 53.59
N SER A 188 -14.83 14.53 54.40
CA SER A 188 -15.62 15.16 55.46
C SER A 188 -14.75 15.90 56.46
N SER A 189 -13.49 15.49 56.63
CA SER A 189 -12.61 16.16 57.57
C SER A 189 -12.12 17.50 57.04
N SER A 190 -12.01 17.63 55.72
CA SER A 190 -11.54 18.87 55.12
C SER A 190 -12.48 20.05 55.35
N LEU A 191 -13.70 19.81 55.81
CA LEU A 191 -14.67 20.89 55.95
C LEU A 191 -14.20 21.93 56.95
N GLY A 192 -14.68 23.15 56.79
CA GLY A 192 -14.28 24.26 57.63
C GLY A 192 -12.80 24.61 57.52
N THR A 193 -11.95 23.60 57.71
CA THR A 193 -10.51 23.79 57.59
C THR A 193 -10.12 24.17 56.16
N GLN A 194 -10.82 23.66 55.16
CA GLN A 194 -10.59 24.01 53.77
C GLN A 194 -11.75 24.87 53.27
N THR A 195 -11.43 25.95 52.57
CA THR A 195 -12.44 26.86 52.06
C THR A 195 -12.90 26.39 50.68
N TYR A 196 -14.21 26.36 50.48
CA TYR A 196 -14.79 25.94 49.20
C TYR A 196 -15.63 27.08 48.63
N ILE A 197 -15.24 27.54 47.44
CA ILE A 197 -15.87 28.68 46.78
C ILE A 197 -16.15 28.29 45.33
N CYS A 198 -17.38 28.52 44.89
CA CYS A 198 -17.73 28.33 43.48
C CYS A 198 -17.65 29.66 42.74
N ASN A 199 -17.06 29.62 41.54
CA ASN A 199 -16.87 30.81 40.71
C ASN A 199 -17.78 30.68 39.51
N VAL A 200 -18.76 31.57 39.41
CA VAL A 200 -19.83 31.48 38.42
C VAL A 200 -19.71 32.67 37.48
N ASN A 201 -19.62 32.40 36.18
CA ASN A 201 -19.48 33.45 35.18
C ASN A 201 -20.59 33.33 34.15
N HIS A 202 -21.33 34.42 33.95
CA HIS A 202 -22.35 34.51 32.91
C HIS A 202 -22.02 35.77 32.13
N LYS A 203 -21.27 35.61 31.06
CA LYS A 203 -20.80 36.77 30.30
C LYS A 203 -21.92 37.64 29.73
N PRO A 204 -23.02 37.10 29.17
CA PRO A 204 -24.04 38.00 28.60
C PRO A 204 -24.60 39.02 29.58
N SER A 205 -24.56 38.74 30.87
CA SER A 205 -25.09 39.64 31.89
C SER A 205 -24.00 40.33 32.70
N ASN A 206 -22.74 40.19 32.29
CA ASN A 206 -21.60 40.72 33.05
C ASN A 206 -21.65 40.28 34.51
N THR A 207 -21.94 39.00 34.71
CA THR A 207 -22.01 38.42 36.03
C THR A 207 -20.74 37.60 36.29
N LYS A 208 -20.08 37.87 37.41
CA LYS A 208 -18.98 37.03 37.88
C LYS A 208 -19.05 37.01 39.39
N VAL A 209 -19.52 35.89 39.94
CA VAL A 209 -19.84 35.78 41.36
C VAL A 209 -19.00 34.68 41.97
N ASP A 210 -18.49 34.94 43.18
CA ASP A 210 -17.87 33.94 44.03
C ASP A 210 -18.73 33.75 45.26
N LYS A 211 -19.10 32.51 45.55
CA LYS A 211 -19.96 32.22 46.69
C LYS A 211 -19.24 31.23 47.59
N LYS A 212 -19.00 31.64 48.84
CA LYS A 212 -18.42 30.74 49.81
C LYS A 212 -19.49 29.77 50.30
N VAL A 213 -19.17 28.49 50.28
CA VAL A 213 -20.11 27.44 50.69
C VAL A 213 -19.67 26.97 52.06
N GLU A 214 -20.48 27.24 53.08
CA GLU A 214 -20.07 26.91 54.44
C GLU A 214 -21.03 25.91 55.06
N PRO A 215 -20.51 24.95 55.85
CA PRO A 215 -21.23 23.92 56.62
C PRO A 215 -22.55 24.37 57.23
N ASP B 1 -27.54 16.46 -2.24
CA ASP B 1 -26.56 16.15 -1.21
C ASP B 1 -26.38 14.65 -1.05
N ILE B 2 -25.20 14.25 -0.58
CA ILE B 2 -24.96 12.84 -0.24
C ILE B 2 -25.46 12.60 1.18
N VAL B 3 -26.25 11.55 1.35
CA VAL B 3 -26.80 11.21 2.66
C VAL B 3 -25.93 10.14 3.30
N MET B 4 -25.47 10.40 4.53
CA MET B 4 -24.67 9.48 5.31
C MET B 4 -25.52 8.93 6.44
N THR B 5 -25.46 7.62 6.65
CA THR B 5 -26.27 6.94 7.66
C THR B 5 -25.41 6.00 8.47
N GLN B 6 -25.35 6.21 9.78
CA GLN B 6 -24.52 5.42 10.66
C GLN B 6 -25.37 4.41 11.41
N SER B 7 -24.74 3.31 11.82
CA SER B 7 -25.41 2.39 12.71
C SER B 7 -24.37 1.60 13.50
N PRO B 8 -24.65 1.24 14.75
CA PRO B 8 -25.84 1.62 15.55
C PRO B 8 -25.71 3.08 15.99
N LEU B 9 -26.79 3.73 16.40
CA LEU B 9 -26.66 5.09 16.91
C LEU B 9 -26.30 5.12 18.39
N SER B 10 -26.51 4.01 19.10
CA SER B 10 -26.06 3.88 20.47
C SER B 10 -25.25 2.59 20.56
N LEU B 11 -24.05 2.67 21.12
CA LEU B 11 -23.10 1.55 21.11
C LEU B 11 -22.52 1.30 22.50
N PRO B 12 -23.12 0.38 23.25
CA PRO B 12 -22.58 0.03 24.57
C PRO B 12 -21.50 -1.04 24.42
N VAL B 13 -20.35 -0.83 25.07
CA VAL B 13 -19.24 -1.75 24.90
C VAL B 13 -18.51 -1.92 26.22
N THR B 14 -18.14 -3.16 26.52
CA THR B 14 -17.34 -3.46 27.70
C THR B 14 -15.90 -3.02 27.47
N PRO B 15 -15.27 -2.35 28.43
CA PRO B 15 -13.88 -1.93 28.24
C PRO B 15 -12.99 -3.13 27.95
N GLY B 16 -12.03 -2.93 27.06
CA GLY B 16 -11.15 -3.98 26.63
C GLY B 16 -11.63 -4.77 25.44
N GLU B 17 -12.87 -4.62 25.04
CA GLU B 17 -13.46 -5.31 23.92
C GLU B 17 -13.46 -4.40 22.69
N PRO B 18 -13.60 -4.97 21.50
CA PRO B 18 -13.66 -4.15 20.28
C PRO B 18 -15.04 -3.52 20.10
N ALA B 19 -15.04 -2.44 19.31
CA ALA B 19 -16.27 -1.74 18.94
C ALA B 19 -16.17 -1.41 17.46
N SER B 20 -17.28 -1.53 16.75
CA SER B 20 -17.35 -1.22 15.32
C SER B 20 -18.54 -0.33 15.06
N ILE B 21 -18.32 0.70 14.24
CA ILE B 21 -19.35 1.64 13.84
C ILE B 21 -19.43 1.63 12.33
N SER B 22 -20.64 1.40 11.80
CA SER B 22 -20.87 1.36 10.36
C SER B 22 -21.31 2.71 9.82
N CYS B 23 -20.91 3.00 8.59
CA CYS B 23 -21.31 4.22 7.92
C CYS B 23 -21.60 3.86 6.48
N ARG B 24 -22.77 4.26 5.98
CA ARG B 24 -23.15 4.01 4.60
C ARG B 24 -23.44 5.34 3.91
N SER B 25 -23.06 5.43 2.63
CA SER B 25 -23.21 6.62 1.80
C SER B 25 -24.26 6.36 0.71
N SER B 26 -25.05 7.38 0.39
CA SER B 26 -26.07 7.24 -0.65
C SER B 26 -25.49 7.19 -2.06
N GLN B 27 -24.22 7.55 -2.23
CA GLN B 27 -23.57 7.31 -3.50
C GLN B 27 -22.11 7.03 -3.24
N SER B 28 -21.47 6.40 -4.22
CA SER B 28 -20.13 5.89 -4.02
C SER B 28 -19.15 7.01 -3.70
N LEU B 29 -18.34 6.79 -2.67
CA LEU B 29 -17.21 7.65 -2.33
C LEU B 29 -15.90 7.15 -2.92
N LEU B 30 -15.94 6.13 -3.77
CA LEU B 30 -14.73 5.67 -4.44
C LEU B 30 -14.47 6.52 -5.67
N HIS B 31 -13.28 7.11 -5.73
CA HIS B 31 -12.81 7.99 -6.81
C HIS B 31 -11.99 7.20 -7.81
N THR B 32 -11.95 7.68 -9.05
CA THR B 32 -11.13 7.01 -10.05
C THR B 32 -9.65 6.99 -9.68
N ASN B 33 -9.21 7.91 -8.81
CA ASN B 33 -7.83 7.80 -8.35
C ASN B 33 -7.61 6.64 -7.38
N GLY B 34 -8.66 5.90 -7.00
CA GLY B 34 -8.54 4.76 -6.13
C GLY B 34 -8.80 5.04 -4.66
N ASN B 35 -8.86 6.30 -4.26
CA ASN B 35 -9.14 6.64 -2.86
C ASN B 35 -10.63 6.59 -2.57
N ASN B 36 -10.94 6.36 -1.29
CA ASN B 36 -12.29 6.51 -0.77
C ASN B 36 -12.34 7.74 0.12
N TYR B 37 -13.31 8.63 -0.15
CA TYR B 37 -13.38 9.95 0.47
C TYR B 37 -14.38 9.96 1.63
N LEU B 38 -13.92 9.40 2.75
CA LEU B 38 -14.74 9.27 3.96
C LEU B 38 -13.87 9.55 5.16
N VAL B 39 -14.39 10.34 6.11
CA VAL B 39 -13.64 10.72 7.29
C VAL B 39 -14.46 10.38 8.54
N TRP B 40 -13.74 10.17 9.65
CA TRP B 40 -14.36 9.92 10.95
C TRP B 40 -13.87 10.92 11.98
N TYR B 41 -14.78 11.35 12.87
CA TYR B 41 -14.46 12.23 13.99
C TYR B 41 -14.97 11.62 15.28
N LEU B 42 -14.38 12.07 16.40
CA LEU B 42 -14.90 11.85 17.75
C LEU B 42 -15.22 13.20 18.37
N GLN B 43 -16.43 13.36 18.89
CA GLN B 43 -16.83 14.59 19.56
C GLN B 43 -17.08 14.28 21.03
N LYS B 44 -16.22 14.78 21.90
CA LYS B 44 -16.40 14.62 23.34
C LYS B 44 -17.31 15.73 23.86
N PRO B 45 -18.02 15.50 24.96
CA PRO B 45 -19.04 16.45 25.40
C PRO B 45 -18.47 17.85 25.58
N GLY B 46 -19.18 18.84 25.04
CA GLY B 46 -18.75 20.23 25.13
C GLY B 46 -17.52 20.60 24.32
N GLN B 47 -17.03 19.71 23.47
CA GLN B 47 -15.84 19.97 22.66
C GLN B 47 -16.23 19.99 21.18
N ALA B 48 -15.32 20.49 20.35
CA ALA B 48 -15.52 20.37 18.92
C ALA B 48 -15.18 18.96 18.49
N PRO B 49 -15.70 18.50 17.35
CA PRO B 49 -15.25 17.21 16.81
C PRO B 49 -13.74 17.22 16.57
N HIS B 50 -13.14 16.05 16.73
CA HIS B 50 -11.71 15.81 16.58
C HIS B 50 -11.50 14.79 15.46
N LEU B 51 -10.67 15.12 14.46
CA LEU B 51 -10.45 14.21 13.33
C LEU B 51 -9.69 12.96 13.75
N LEU B 52 -10.24 11.79 13.39
CA LEU B 52 -9.65 10.48 13.66
C LEU B 52 -9.04 9.82 12.43
N ILE B 53 -9.82 9.72 11.36
CA ILE B 53 -9.49 8.98 10.15
C ILE B 53 -9.81 9.87 8.95
N TYR B 54 -8.94 9.88 7.94
CA TYR B 54 -9.25 10.55 6.69
C TYR B 54 -8.91 9.63 5.53
N LEU B 55 -9.50 9.91 4.36
CA LEU B 55 -9.32 9.04 3.18
C LEU B 55 -9.68 7.59 3.50
N GLY B 56 -10.74 7.41 4.27
CA GLY B 56 -11.23 6.05 4.53
C GLY B 56 -10.44 5.27 5.57
N SER B 57 -9.10 5.28 5.45
CA SER B 57 -8.31 4.43 6.33
C SER B 57 -7.00 5.06 6.82
N ASN B 58 -6.75 6.34 6.55
CA ASN B 58 -5.56 7.00 7.08
C ASN B 58 -5.83 7.52 8.48
N ARG B 59 -5.07 7.00 9.45
CA ARG B 59 -5.16 7.51 10.80
C ARG B 59 -4.46 8.86 10.89
N ALA B 60 -5.16 9.87 11.42
CA ALA B 60 -4.56 11.18 11.59
C ALA B 60 -3.38 11.08 12.57
N SER B 61 -2.29 11.80 12.26
CA SER B 61 -1.13 11.75 13.13
C SER B 61 -1.51 12.10 14.57
N GLY B 62 -1.07 11.28 15.52
CA GLY B 62 -1.39 11.49 16.91
C GLY B 62 -2.59 10.72 17.41
N VAL B 63 -3.39 10.15 16.54
CA VAL B 63 -4.55 9.37 16.98
C VAL B 63 -4.05 8.01 17.45
N PRO B 64 -4.55 7.50 18.58
CA PRO B 64 -4.08 6.21 19.08
C PRO B 64 -4.25 5.10 18.06
N GLY B 65 -3.35 4.13 18.12
CA GLY B 65 -3.36 3.04 17.17
C GLY B 65 -4.58 2.15 17.23
N ARG B 66 -5.34 2.18 18.34
CA ARG B 66 -6.52 1.32 18.42
C ARG B 66 -7.62 1.71 17.43
N PHE B 67 -7.57 2.91 16.86
CA PHE B 67 -8.57 3.37 15.91
C PHE B 67 -8.12 3.02 14.49
N SER B 68 -9.02 2.45 13.71
CA SER B 68 -8.72 2.18 12.31
C SER B 68 -10.00 2.32 11.51
N GLY B 69 -9.85 2.68 10.24
CA GLY B 69 -10.98 2.81 9.34
C GLY B 69 -10.79 1.85 8.18
N SER B 70 -11.90 1.27 7.70
CA SER B 70 -11.88 0.44 6.51
C SER B 70 -13.16 0.66 5.70
N GLY B 71 -13.23 0.02 4.55
CA GLY B 71 -14.39 0.08 3.68
C GLY B 71 -14.05 0.58 2.30
N SER B 72 -15.07 0.58 1.44
CA SER B 72 -14.95 1.07 0.07
C SER B 72 -16.34 1.38 -0.48
N GLY B 73 -16.38 2.29 -1.45
CA GLY B 73 -17.61 2.55 -2.17
C GLY B 73 -18.68 3.25 -1.34
N THR B 74 -19.69 2.50 -0.88
CA THR B 74 -20.74 3.07 -0.05
C THR B 74 -20.75 2.50 1.37
N ASP B 75 -19.79 1.67 1.76
CA ASP B 75 -19.85 0.94 3.02
C ASP B 75 -18.53 1.03 3.76
N PHE B 76 -18.56 1.58 4.97
CA PHE B 76 -17.36 1.91 5.73
C PHE B 76 -17.54 1.53 7.19
N THR B 77 -16.43 1.26 7.87
CA THR B 77 -16.45 0.85 9.27
C THR B 77 -15.32 1.51 10.04
N LEU B 78 -15.66 2.11 11.18
CA LEU B 78 -14.68 2.53 12.16
C LEU B 78 -14.58 1.45 13.23
N LYS B 79 -13.35 0.99 13.48
CA LYS B 79 -13.10 -0.06 14.46
C LYS B 79 -12.19 0.45 15.55
N ILE B 80 -12.60 0.26 16.80
CA ILE B 80 -11.72 0.41 17.94
C ILE B 80 -11.35 -1.00 18.39
N SER B 81 -10.05 -1.31 18.35
CA SER B 81 -9.62 -2.69 18.56
C SER B 81 -9.84 -3.12 20.00
N ARG B 82 -9.63 -2.20 20.94
CA ARG B 82 -9.83 -2.49 22.34
C ARG B 82 -10.21 -1.18 23.03
N VAL B 83 -11.47 -1.07 23.44
CA VAL B 83 -12.01 0.21 23.86
C VAL B 83 -11.47 0.60 25.23
N GLU B 84 -11.11 1.87 25.37
CA GLU B 84 -10.69 2.48 26.63
C GLU B 84 -11.81 3.35 27.19
N VAL B 85 -11.84 3.52 28.51
CA VAL B 85 -12.94 4.27 29.10
C VAL B 85 -12.95 5.72 28.62
N GLU B 86 -11.81 6.25 28.18
CA GLU B 86 -11.74 7.60 27.66
C GLU B 86 -12.34 7.75 26.27
N ASP B 87 -12.74 6.65 25.64
CA ASP B 87 -13.30 6.65 24.30
C ASP B 87 -14.78 7.06 24.26
N VAL B 88 -15.38 7.42 25.39
CA VAL B 88 -16.78 7.84 25.39
C VAL B 88 -16.93 9.15 24.64
N GLY B 89 -18.05 9.29 23.95
CA GLY B 89 -18.30 10.45 23.12
C GLY B 89 -19.17 10.03 21.95
N VAL B 90 -19.33 10.95 20.99
CA VAL B 90 -20.16 10.73 19.81
C VAL B 90 -19.25 10.70 18.59
N TYR B 91 -19.34 9.62 17.81
CA TYR B 91 -18.52 9.41 16.62
C TYR B 91 -19.34 9.75 15.38
N TYR B 92 -18.75 10.55 14.49
CA TYR B 92 -19.41 10.99 13.25
C TYR B 92 -18.58 10.54 12.07
N CYS B 93 -19.22 9.98 11.04
CA CYS B 93 -18.60 9.90 9.73
C CYS B 93 -19.05 11.10 8.88
N MET B 94 -18.29 11.37 7.81
CA MET B 94 -18.55 12.50 6.92
C MET B 94 -17.89 12.21 5.57
N GLN B 95 -18.62 12.45 4.49
CA GLN B 95 -18.03 12.27 3.17
C GLN B 95 -17.20 13.50 2.80
N SER B 96 -16.03 13.24 2.22
CA SER B 96 -15.08 14.27 1.81
C SER B 96 -14.97 14.33 0.29
N LEU B 97 -16.04 13.96 -0.41
CA LEU B 97 -16.04 13.90 -1.86
C LEU B 97 -16.53 15.19 -2.51
N GLN B 98 -17.58 15.81 -1.97
CA GLN B 98 -18.28 16.92 -2.60
C GLN B 98 -18.72 17.93 -1.54
N THR B 99 -18.94 19.20 -2.00
CA THR B 99 -19.69 20.05 -1.09
C THR B 99 -21.17 20.05 -1.47
N PRO B 100 -22.08 20.24 -0.52
CA PRO B 100 -21.81 20.39 0.93
C PRO B 100 -21.29 19.09 1.58
N PRO B 101 -20.24 19.22 2.39
CA PRO B 101 -19.85 18.07 3.22
C PRO B 101 -21.01 17.71 4.12
N THR B 102 -21.30 16.41 4.20
CA THR B 102 -22.44 15.92 4.98
C THR B 102 -21.97 14.86 5.96
N PHE B 103 -22.62 14.84 7.11
CA PHE B 103 -22.26 14.01 8.25
C PHE B 103 -23.34 12.96 8.52
N GLY B 104 -22.92 11.83 9.08
CA GLY B 104 -23.87 10.89 9.66
C GLY B 104 -24.50 11.43 10.94
N GLN B 105 -25.48 10.70 11.45
CA GLN B 105 -26.23 11.22 12.60
C GLN B 105 -25.44 11.20 13.91
N GLY B 106 -24.33 10.47 13.96
CA GLY B 106 -23.55 10.41 15.19
C GLY B 106 -23.87 9.16 16.01
N THR B 107 -22.83 8.46 16.45
CA THR B 107 -22.99 7.25 17.25
C THR B 107 -22.44 7.52 18.65
N LYS B 108 -23.28 7.38 19.67
CA LYS B 108 -22.82 7.62 21.04
C LYS B 108 -22.29 6.32 21.58
N LEU B 109 -20.98 6.28 21.86
CA LEU B 109 -20.37 5.12 22.51
C LEU B 109 -20.57 5.23 24.01
N GLU B 110 -21.08 4.17 24.60
CA GLU B 110 -21.30 4.09 26.04
C GLU B 110 -20.47 2.94 26.60
N ILE B 111 -19.80 3.18 27.72
CA ILE B 111 -18.97 2.16 28.35
C ILE B 111 -19.85 1.33 29.28
N LYS B 112 -19.88 0.02 29.03
CA LYS B 112 -20.59 -0.93 29.90
C LYS B 112 -19.65 -1.26 31.08
N ARG B 113 -19.87 -0.63 32.22
CA ARG B 113 -19.09 -0.92 33.43
C ARG B 113 -19.95 -1.70 34.41
N THR B 114 -19.34 -2.08 35.53
CA THR B 114 -20.06 -2.80 36.57
C THR B 114 -21.12 -1.91 37.19
N VAL B 115 -22.19 -2.53 37.70
CA VAL B 115 -23.27 -1.76 38.32
C VAL B 115 -22.73 -1.00 39.52
N ALA B 116 -23.18 0.25 39.66
CA ALA B 116 -22.85 1.09 40.81
C ALA B 116 -24.10 1.81 41.27
N ALA B 117 -24.45 1.67 42.55
CA ALA B 117 -25.61 2.36 43.09
C ALA B 117 -25.26 3.80 43.43
N PRO B 118 -26.20 4.73 43.27
CA PRO B 118 -25.91 6.12 43.62
C PRO B 118 -25.63 6.28 45.11
N SER B 119 -24.74 7.21 45.43
CA SER B 119 -24.69 7.80 46.76
C SER B 119 -25.61 9.01 46.73
N VAL B 120 -26.49 9.13 47.72
CA VAL B 120 -27.56 10.13 47.70
C VAL B 120 -27.29 11.19 48.75
N PHE B 121 -27.45 12.46 48.37
CA PHE B 121 -27.33 13.60 49.29
C PHE B 121 -28.50 14.54 49.06
N ILE B 122 -28.90 15.27 50.11
CA ILE B 122 -30.03 16.20 49.98
C ILE B 122 -29.64 17.54 50.59
N PHE B 123 -30.06 18.62 49.95
CA PHE B 123 -29.67 19.97 50.34
C PHE B 123 -30.91 20.81 50.56
N PRO B 124 -31.13 21.35 51.75
CA PRO B 124 -32.26 22.24 51.99
C PRO B 124 -32.05 23.58 51.31
N PRO B 125 -33.13 24.33 51.07
CA PRO B 125 -32.99 25.73 50.64
C PRO B 125 -32.21 26.56 51.66
N SER B 126 -31.44 27.52 51.15
CA SER B 126 -30.72 28.48 51.97
C SER B 126 -31.57 29.72 52.24
N ASP B 127 -31.27 30.40 53.36
CA ASP B 127 -31.94 31.67 53.62
C ASP B 127 -31.68 32.69 52.51
N GLU B 128 -30.50 32.64 51.86
CA GLU B 128 -30.24 33.61 50.80
C GLU B 128 -31.21 33.46 49.64
N GLN B 129 -31.67 32.23 49.35
CA GLN B 129 -32.68 32.06 48.31
C GLN B 129 -34.06 32.41 48.83
N LEU B 130 -34.39 31.93 50.03
CA LEU B 130 -35.76 32.04 50.54
C LEU B 130 -36.23 33.49 50.63
N LYS B 131 -35.31 34.44 50.81
CA LYS B 131 -35.75 35.82 51.00
C LYS B 131 -36.38 36.40 49.73
N SER B 132 -36.13 35.82 48.56
CA SER B 132 -36.80 36.35 47.38
C SER B 132 -37.97 35.46 46.93
N GLY B 133 -38.39 34.50 47.76
CA GLY B 133 -39.71 33.91 47.64
C GLY B 133 -39.79 32.49 47.14
N THR B 134 -38.70 31.91 46.62
CA THR B 134 -38.71 30.55 46.09
C THR B 134 -37.83 29.65 46.96
N ALA B 135 -38.26 28.39 47.08
CA ALA B 135 -37.50 27.35 47.76
C ALA B 135 -37.10 26.25 46.79
N SER B 136 -35.80 26.05 46.57
CA SER B 136 -35.28 24.90 45.82
C SER B 136 -34.72 23.87 46.78
N VAL B 137 -35.22 22.64 46.71
CA VAL B 137 -34.69 21.52 47.46
C VAL B 137 -33.98 20.61 46.46
N VAL B 138 -32.70 20.30 46.69
CA VAL B 138 -31.90 19.56 45.71
C VAL B 138 -31.54 18.19 46.25
N CYS B 139 -31.76 17.16 45.44
CA CYS B 139 -31.37 15.78 45.74
C CYS B 139 -30.31 15.35 44.74
N LEU B 140 -29.14 14.94 45.24
CA LEU B 140 -28.04 14.54 44.36
C LEU B 140 -27.87 13.02 44.39
N LEU B 141 -27.83 12.39 43.21
CA LEU B 141 -27.50 10.97 43.05
C LEU B 141 -26.12 10.92 42.41
N ASN B 142 -25.13 10.43 43.14
CA ASN B 142 -23.75 10.59 42.69
C ASN B 142 -23.15 9.26 42.25
N ASN B 143 -22.58 9.25 41.04
CA ASN B 143 -21.69 8.20 40.55
C ASN B 143 -22.38 6.83 40.53
N PHE B 144 -23.33 6.69 39.61
CA PHE B 144 -24.05 5.43 39.46
C PHE B 144 -23.97 4.93 38.01
N TYR B 145 -24.25 3.65 37.83
CA TYR B 145 -24.27 3.03 36.51
C TYR B 145 -25.37 1.98 36.49
N PRO B 146 -25.82 1.54 35.30
CA PRO B 146 -27.08 1.99 34.70
C PRO B 146 -27.42 3.46 34.87
N ARG B 147 -27.63 4.18 33.76
CA ARG B 147 -28.11 5.55 33.87
C ARG B 147 -29.54 5.63 34.38
N GLU B 148 -30.31 4.55 34.23
CA GLU B 148 -31.73 4.57 34.60
C GLU B 148 -31.89 4.67 36.11
N ALA B 149 -32.70 5.62 36.56
CA ALA B 149 -32.90 5.82 37.98
C ALA B 149 -34.20 6.59 38.17
N LYS B 150 -34.78 6.43 39.34
CA LYS B 150 -36.04 7.07 39.66
C LYS B 150 -35.93 7.81 40.98
N VAL B 151 -36.43 9.04 41.00
CA VAL B 151 -36.41 9.90 42.18
C VAL B 151 -37.83 10.35 42.45
N GLN B 152 -38.33 10.08 43.64
CA GLN B 152 -39.65 10.55 44.05
C GLN B 152 -39.52 11.43 45.29
N TRP B 153 -40.23 12.55 45.29
CA TRP B 153 -40.21 13.52 46.38
C TRP B 153 -41.40 13.31 47.31
N LYS B 154 -41.15 13.30 48.61
CA LYS B 154 -42.20 13.26 49.61
C LYS B 154 -42.08 14.46 50.54
N VAL B 155 -43.20 15.10 50.82
CA VAL B 155 -43.23 16.26 51.71
C VAL B 155 -44.24 15.94 52.80
N ASP B 156 -43.76 15.79 54.03
CA ASP B 156 -44.58 15.26 55.13
C ASP B 156 -45.32 13.99 54.68
N ASN B 157 -44.56 13.06 54.11
CA ASN B 157 -45.03 11.77 53.62
C ASN B 157 -46.03 11.88 52.47
N ALA B 158 -46.18 13.05 51.85
CA ALA B 158 -47.10 13.22 50.73
C ALA B 158 -46.30 13.22 49.43
N LEU B 159 -46.64 12.30 48.53
CA LEU B 159 -45.90 12.16 47.28
C LEU B 159 -46.14 13.35 46.37
N GLN B 160 -45.06 13.94 45.87
CA GLN B 160 -45.14 15.11 45.01
C GLN B 160 -45.21 14.73 43.55
N SER B 161 -45.78 15.62 42.73
CA SER B 161 -45.79 15.41 41.30
C SER B 161 -45.94 16.76 40.62
N GLY B 162 -45.20 16.94 39.52
CA GLY B 162 -45.29 18.16 38.74
C GLY B 162 -44.44 19.31 39.22
N ASN B 163 -43.69 19.15 40.32
CA ASN B 163 -42.89 20.26 40.84
C ASN B 163 -41.42 19.92 40.96
N SER B 164 -40.91 18.96 40.17
CA SER B 164 -39.50 18.62 40.21
C SER B 164 -38.95 18.51 38.79
N GLN B 165 -37.64 18.73 38.66
CA GLN B 165 -36.94 18.61 37.37
C GLN B 165 -35.60 17.92 37.59
N GLU B 166 -35.22 17.06 36.63
CA GLU B 166 -33.98 16.30 36.74
C GLU B 166 -33.00 16.76 35.67
N SER B 167 -31.71 16.58 35.97
CA SER B 167 -30.63 16.76 35.02
C SER B 167 -29.60 15.65 35.25
N VAL B 168 -29.07 15.09 34.16
CA VAL B 168 -28.11 13.98 34.23
C VAL B 168 -26.84 14.38 33.51
N THR B 169 -25.69 14.05 34.11
CA THR B 169 -24.42 14.34 33.45
C THR B 169 -24.15 13.35 32.33
N GLU B 170 -23.16 13.70 31.51
CA GLU B 170 -22.60 12.76 30.56
C GLU B 170 -21.78 11.70 31.29
N GLN B 171 -21.57 10.56 30.63
CA GLN B 171 -20.82 9.49 31.27
C GLN B 171 -19.38 9.92 31.51
N ASP B 172 -18.90 9.71 32.74
CA ASP B 172 -17.57 10.14 33.13
C ASP B 172 -16.50 9.40 32.34
N SER B 173 -15.50 10.14 31.87
CA SER B 173 -14.45 9.59 31.02
C SER B 173 -13.40 8.79 31.80
N LYS B 174 -13.47 8.79 33.13
CA LYS B 174 -12.54 8.02 33.96
C LYS B 174 -13.19 6.83 34.64
N ASP B 175 -14.34 7.02 35.30
CA ASP B 175 -14.99 5.94 36.04
C ASP B 175 -16.30 5.48 35.40
N SER B 176 -16.69 6.06 34.27
CA SER B 176 -17.80 5.58 33.46
C SER B 176 -19.15 5.65 34.16
N THR B 177 -19.30 6.50 35.18
CA THR B 177 -20.57 6.64 35.88
C THR B 177 -21.30 7.91 35.44
N TYR B 178 -22.56 7.99 35.89
CA TYR B 178 -23.44 9.15 35.75
C TYR B 178 -23.71 9.76 37.13
N SER B 179 -24.05 11.04 37.14
CA SER B 179 -24.66 11.66 38.32
C SER B 179 -25.94 12.38 37.90
N LEU B 180 -26.84 12.56 38.87
CA LEU B 180 -28.15 13.13 38.58
C LEU B 180 -28.53 14.11 39.69
N SER B 181 -29.14 15.23 39.30
CA SER B 181 -29.78 16.12 40.27
C SER B 181 -31.27 16.10 40.04
N SER B 182 -32.04 16.12 41.12
CA SER B 182 -33.48 16.34 41.06
C SER B 182 -33.76 17.54 41.96
N THR B 183 -34.44 18.52 41.42
CA THR B 183 -34.69 19.77 42.14
C THR B 183 -36.19 19.96 42.31
N LEU B 184 -36.62 20.05 43.56
CA LEU B 184 -38.01 20.34 43.92
C LEU B 184 -38.18 21.84 44.14
N THR B 185 -39.19 22.44 43.49
CA THR B 185 -39.40 23.89 43.56
C THR B 185 -40.75 24.17 44.20
N LEU B 186 -40.72 24.90 45.32
CA LEU B 186 -41.90 25.34 46.06
C LEU B 186 -41.82 26.84 46.30
N SER B 187 -42.96 27.47 46.60
CA SER B 187 -42.89 28.82 47.15
C SER B 187 -42.30 28.75 48.56
N LYS B 188 -41.72 29.88 49.02
CA LYS B 188 -41.23 29.90 50.41
C LYS B 188 -42.38 29.66 51.37
N ALA B 189 -43.55 30.23 51.07
CA ALA B 189 -44.70 30.06 51.97
C ALA B 189 -45.08 28.59 52.10
N ASP B 190 -45.14 27.87 50.97
CA ASP B 190 -45.45 26.45 51.00
C ASP B 190 -44.35 25.67 51.72
N TYR B 191 -43.10 26.02 51.46
CA TYR B 191 -42.00 25.32 52.10
C TYR B 191 -42.11 25.40 53.61
N GLU B 192 -42.39 26.59 54.15
CA GLU B 192 -42.33 26.70 55.61
C GLU B 192 -43.58 26.16 56.28
N LYS B 193 -44.55 25.67 55.51
CA LYS B 193 -45.74 25.02 56.05
C LYS B 193 -45.57 23.52 56.26
N HIS B 194 -44.40 22.96 55.98
CA HIS B 194 -44.18 21.52 56.13
C HIS B 194 -42.83 21.30 56.80
N LYS B 195 -42.62 20.06 57.27
CA LYS B 195 -41.42 19.78 58.03
C LYS B 195 -40.49 18.77 57.38
N VAL B 196 -40.99 17.60 56.98
CA VAL B 196 -40.11 16.53 56.50
C VAL B 196 -40.01 16.61 54.99
N TYR B 197 -38.79 16.71 54.49
CA TYR B 197 -38.51 16.73 53.05
C TYR B 197 -37.65 15.53 52.72
N ALA B 198 -38.15 14.65 51.86
CA ALA B 198 -37.49 13.39 51.59
C ALA B 198 -37.35 13.14 50.09
N CYS B 199 -36.17 12.67 49.70
CA CYS B 199 -35.85 12.20 48.36
C CYS B 199 -35.71 10.68 48.42
N GLU B 200 -36.53 9.98 47.65
CA GLU B 200 -36.54 8.51 47.64
C GLU B 200 -36.02 8.01 46.29
N VAL B 201 -34.96 7.20 46.32
CA VAL B 201 -34.24 6.79 45.12
C VAL B 201 -34.38 5.28 44.90
N THR B 202 -34.70 4.90 43.67
CA THR B 202 -34.66 3.51 43.24
C THR B 202 -33.69 3.37 42.08
N HIS B 203 -32.94 2.27 42.08
CA HIS B 203 -31.90 2.03 41.09
C HIS B 203 -31.55 0.54 41.13
N GLN B 204 -31.19 0.00 39.98
CA GLN B 204 -30.84 -1.42 39.86
C GLN B 204 -29.82 -1.84 40.90
N GLY B 205 -28.87 -0.97 41.21
CA GLY B 205 -27.82 -1.27 42.17
C GLY B 205 -28.23 -1.24 43.63
N LEU B 206 -29.45 -0.84 43.94
CA LEU B 206 -29.93 -0.72 45.32
C LEU B 206 -30.89 -1.86 45.62
N SER B 207 -30.54 -2.68 46.62
CA SER B 207 -31.37 -3.82 46.97
C SER B 207 -32.74 -3.38 47.51
N SER B 208 -32.83 -2.19 48.09
CA SER B 208 -34.09 -1.57 48.44
C SER B 208 -33.97 -0.07 48.19
N PRO B 209 -35.10 0.64 48.08
CA PRO B 209 -35.01 2.10 47.86
C PRO B 209 -34.32 2.78 49.04
N VAL B 210 -33.52 3.79 48.71
CA VAL B 210 -32.82 4.58 49.73
C VAL B 210 -33.51 5.94 49.82
N THR B 211 -33.69 6.41 51.04
CA THR B 211 -34.32 7.70 51.28
C THR B 211 -33.37 8.59 52.05
N LYS B 212 -33.21 9.83 51.58
CA LYS B 212 -32.55 10.88 52.33
C LYS B 212 -33.57 11.95 52.66
N SER B 213 -33.53 12.47 53.89
CA SER B 213 -34.51 13.47 54.27
C SER B 213 -33.93 14.41 55.33
N PHE B 214 -34.61 15.53 55.51
CA PHE B 214 -34.31 16.48 56.59
C PHE B 214 -35.61 17.07 57.12
N ASN B 215 -35.54 17.64 58.32
CA ASN B 215 -36.61 18.48 58.85
C ASN B 215 -36.19 19.93 58.76
N ARG B 216 -37.09 20.79 58.31
CA ARG B 216 -36.81 22.21 58.12
C ARG B 216 -36.03 22.85 59.27
N LEU C 1 17.46 10.29 2.38
CA LEU C 1 16.15 10.72 1.90
C LEU C 1 15.56 11.82 2.79
N VAL C 2 15.07 12.89 2.17
CA VAL C 2 14.49 14.02 2.88
C VAL C 2 13.49 13.53 3.94
N ASN C 3 13.44 14.23 5.07
CA ASN C 3 12.47 13.93 6.09
C ASN C 3 11.21 14.76 5.85
N ARG C 4 10.23 14.61 6.75
CA ARG C 4 8.93 15.24 6.55
C ARG C 4 9.06 16.76 6.48
N LYS C 5 9.80 17.35 7.42
CA LYS C 5 9.95 18.80 7.44
C LYS C 5 10.56 19.33 6.14
N GLN C 6 11.57 18.62 5.61
CA GLN C 6 12.21 19.05 4.37
C GLN C 6 11.25 18.96 3.19
N LEU C 7 10.47 17.89 3.09
CA LEU C 7 9.46 17.82 2.03
C LEU C 7 8.43 18.93 2.17
N GLU C 8 7.98 19.19 3.41
CA GLU C 8 7.03 20.29 3.63
C GLU C 8 7.55 21.61 3.08
N LYS C 9 8.85 21.87 3.26
CA LYS C 9 9.43 23.11 2.73
C LYS C 9 9.57 23.04 1.23
N MET C 10 10.11 21.93 0.73
CA MET C 10 10.30 21.73 -0.70
C MET C 10 8.99 21.89 -1.47
N ALA C 11 7.90 21.30 -0.97
CA ALA C 11 6.62 21.32 -1.66
C ALA C 11 5.69 22.42 -1.15
N ASN C 12 6.19 23.34 -0.33
CA ASN C 12 5.38 24.49 0.05
C ASN C 12 5.09 25.34 -1.18
N VAL C 13 3.84 25.71 -1.36
CA VAL C 13 3.43 26.58 -2.46
C VAL C 13 2.66 27.74 -1.87
N ARG C 14 3.01 28.96 -2.26
CA ARG C 14 2.33 30.13 -1.74
C ARG C 14 0.84 30.05 -2.06
N PHE C 15 0.01 30.30 -1.04
CA PHE C 15 -1.44 30.34 -1.19
C PHE C 15 -2.06 28.99 -1.56
N ARG C 16 -1.38 27.88 -1.29
CA ARG C 16 -1.96 26.57 -1.60
C ARG C 16 -2.67 26.03 -0.36
N THR C 17 -3.94 25.62 -0.53
CA THR C 17 -4.62 24.94 0.56
C THR C 17 -4.08 23.52 0.74
N GLN C 18 -3.93 23.08 1.99
CA GLN C 18 -3.52 21.72 2.28
C GLN C 18 -4.57 20.72 1.78
N GLU C 19 -4.11 19.64 1.14
CA GLU C 19 -4.99 18.59 0.63
C GLU C 19 -4.75 17.28 1.37
N ASP C 20 -5.82 16.50 1.61
CA ASP C 20 -5.65 15.17 2.19
C ASP C 20 -4.62 14.34 1.43
N GLU C 21 -4.63 14.41 0.09
CA GLU C 21 -3.72 13.55 -0.66
C GLU C 21 -2.27 13.97 -0.46
N TYR C 22 -2.06 15.24 -0.07
CA TYR C 22 -0.72 15.74 0.26
C TYR C 22 -0.30 15.29 1.65
N VAL C 23 -1.18 15.44 2.64
CA VAL C 23 -0.86 14.97 3.98
C VAL C 23 -0.60 13.47 4.01
N ALA C 24 -1.29 12.69 3.14
CA ALA C 24 -1.02 11.25 3.08
C ALA C 24 0.43 10.96 2.72
N ILE C 25 1.00 11.76 1.81
CA ILE C 25 2.42 11.62 1.45
C ILE C 25 3.29 11.93 2.66
N LEU C 26 3.00 13.05 3.32
CA LEU C 26 3.79 13.47 4.48
C LEU C 26 3.77 12.40 5.56
N ASP C 27 2.57 11.90 5.88
CA ASP C 27 2.44 10.86 6.91
C ASP C 27 3.22 9.61 6.53
N ALA C 28 3.17 9.22 5.26
CA ALA C 28 3.83 8.00 4.84
C ALA C 28 5.34 8.17 4.88
N LEU C 29 5.83 9.36 4.52
CA LEU C 29 7.26 9.64 4.60
C LEU C 29 7.75 9.61 6.05
N GLU C 30 6.97 10.17 6.97
CA GLU C 30 7.32 10.10 8.38
C GLU C 30 7.35 8.66 8.87
N GLU C 31 6.39 7.83 8.42
CA GLU C 31 6.40 6.43 8.79
C GLU C 31 7.66 5.73 8.27
N TYR C 32 8.10 6.07 7.05
CA TYR C 32 9.32 5.48 6.50
C TYR C 32 10.53 5.72 7.40
N HIS C 33 10.69 6.95 7.90
CA HIS C 33 11.86 7.27 8.70
C HIS C 33 11.78 6.68 10.11
N ASN C 34 10.65 6.09 10.49
CA ASN C 34 10.54 5.36 11.74
C ASN C 34 10.70 3.86 11.55
N MET C 35 11.06 3.42 10.34
CA MET C 35 11.16 2.00 10.02
C MET C 35 12.59 1.48 10.09
N SER C 36 13.45 2.06 10.94
CA SER C 36 14.85 1.68 10.98
C SER C 36 15.03 0.17 11.19
N GLU C 37 14.12 -0.46 11.93
CA GLU C 37 14.23 -1.87 12.31
C GLU C 37 13.35 -2.79 11.45
N ASN C 38 13.03 -2.38 10.23
CA ASN C 38 12.29 -3.25 9.32
C ASN C 38 13.25 -3.86 8.30
N THR C 39 12.78 -4.88 7.60
CA THR C 39 13.59 -5.53 6.57
C THR C 39 13.74 -4.62 5.33
N VAL C 40 14.73 -4.94 4.51
CA VAL C 40 14.98 -4.13 3.32
C VAL C 40 13.79 -4.17 2.39
N VAL C 41 13.14 -5.32 2.28
CA VAL C 41 11.99 -5.45 1.40
C VAL C 41 10.81 -4.65 1.94
N GLU C 42 10.61 -4.67 3.26
CA GLU C 42 9.56 -3.84 3.85
C GLU C 42 9.81 -2.37 3.58
N LYS C 43 11.07 -1.92 3.69
CA LYS C 43 11.40 -0.53 3.39
C LYS C 43 11.15 -0.21 1.92
N TYR C 44 11.54 -1.12 1.00
CA TYR C 44 11.24 -0.88 -0.40
C TYR C 44 9.73 -0.74 -0.61
N LEU C 45 8.95 -1.63 -0.01
CA LEU C 45 7.51 -1.58 -0.21
C LEU C 45 6.92 -0.29 0.33
N LYS C 46 7.51 0.25 1.41
CA LYS C 46 7.04 1.55 1.90
C LYS C 46 7.39 2.68 0.93
N LEU C 47 8.62 2.68 0.39
CA LEU C 47 8.96 3.64 -0.65
C LEU C 47 8.04 3.51 -1.84
N LYS C 48 7.68 2.27 -2.18
CA LYS C 48 6.75 2.06 -3.28
C LYS C 48 5.40 2.72 -2.99
N ASP C 49 4.90 2.57 -1.76
CA ASP C 49 3.64 3.21 -1.43
C ASP C 49 3.75 4.73 -1.44
N ILE C 50 4.88 5.27 -0.96
CA ILE C 50 5.09 6.72 -1.02
C ILE C 50 5.07 7.20 -2.46
N ASN C 51 5.72 6.46 -3.37
CA ASN C 51 5.69 6.89 -4.77
C ASN C 51 4.26 6.84 -5.32
N SER C 52 3.51 5.79 -5.00
CA SER C 52 2.12 5.67 -5.47
C SER C 52 1.27 6.82 -4.94
N LEU C 53 1.47 7.19 -3.67
CA LEU C 53 0.72 8.32 -3.12
C LEU C 53 1.09 9.62 -3.81
N THR C 54 2.37 9.79 -4.15
CA THR C 54 2.74 11.00 -4.85
C THR C 54 2.09 11.04 -6.23
N ASP C 55 1.99 9.88 -6.90
CA ASP C 55 1.36 9.86 -8.22
C ASP C 55 -0.13 10.15 -8.11
N ILE C 56 -0.79 9.64 -7.07
CA ILE C 56 -2.21 9.94 -6.84
C ILE C 56 -2.42 11.44 -6.71
N TYR C 57 -1.56 12.11 -5.93
CA TYR C 57 -1.70 13.55 -5.80
C TYR C 57 -1.60 14.23 -7.15
N ILE C 58 -0.52 13.95 -7.88
CA ILE C 58 -0.27 14.61 -9.16
C ILE C 58 -1.42 14.38 -10.13
N ASP C 59 -1.94 13.15 -10.15
CA ASP C 59 -3.09 12.86 -11.02
C ASP C 59 -4.35 13.54 -10.54
N THR C 60 -4.50 13.75 -9.23
CA THR C 60 -5.72 14.38 -8.75
C THR C 60 -5.70 15.89 -8.94
N TYR C 61 -4.53 16.51 -8.79
CA TYR C 61 -4.37 17.96 -8.86
C TYR C 61 -3.39 18.24 -9.99
N LYS C 62 -3.86 18.13 -11.24
CA LYS C 62 -2.94 18.13 -12.38
C LYS C 62 -2.24 19.47 -12.56
N LYS C 63 -2.88 20.57 -12.18
CA LYS C 63 -2.31 21.90 -12.31
C LYS C 63 -1.76 22.44 -10.99
N SER C 64 -1.49 21.57 -10.02
CA SER C 64 -1.01 22.04 -8.72
C SER C 64 0.40 22.62 -8.82
N GLY C 65 0.63 23.73 -8.12
CA GLY C 65 1.98 24.24 -7.99
C GLY C 65 2.94 23.30 -7.30
N ARG C 66 2.43 22.30 -6.57
CA ARG C 66 3.30 21.36 -5.86
C ARG C 66 3.99 20.37 -6.79
N ASN C 67 3.48 20.19 -8.00
CA ASN C 67 3.86 19.01 -8.78
C ASN C 67 5.35 19.03 -9.16
N LYS C 68 5.91 20.20 -9.45
CA LYS C 68 7.34 20.26 -9.77
C LYS C 68 8.18 19.73 -8.61
N ALA C 69 7.90 20.18 -7.38
CA ALA C 69 8.66 19.67 -6.24
C ALA C 69 8.36 18.21 -5.99
N LEU C 70 7.12 17.76 -6.20
CA LEU C 70 6.80 16.36 -5.95
C LEU C 70 7.48 15.44 -6.96
N LYS C 71 7.63 15.90 -8.21
CA LYS C 71 8.40 15.11 -9.17
C LYS C 71 9.87 15.03 -8.80
N LYS C 72 10.42 16.07 -8.17
CA LYS C 72 11.79 15.95 -7.68
C LYS C 72 11.87 14.98 -6.52
N PHE C 73 10.87 15.03 -5.62
CA PHE C 73 10.80 14.06 -4.53
C PHE C 73 10.77 12.63 -5.07
N LYS C 74 10.08 12.41 -6.19
CA LYS C 74 10.05 11.08 -6.75
C LYS C 74 11.45 10.64 -7.20
N GLU C 75 12.26 11.58 -7.69
CA GLU C 75 13.65 11.25 -8.00
C GLU C 75 14.40 10.79 -6.76
N TYR C 76 14.23 11.52 -5.66
CA TYR C 76 14.85 11.17 -4.38
C TYR C 76 14.45 9.77 -3.92
N LEU C 77 13.22 9.36 -4.17
CA LEU C 77 12.80 8.00 -3.82
C LEU C 77 13.63 6.95 -4.56
N VAL C 78 13.90 7.18 -5.84
CA VAL C 78 14.72 6.26 -6.61
C VAL C 78 16.12 6.15 -6.00
N THR C 79 16.72 7.29 -5.65
CA THR C 79 18.06 7.28 -5.05
C THR C 79 18.06 6.50 -3.75
N GLU C 80 17.00 6.62 -2.95
CA GLU C 80 16.92 5.87 -1.71
C GLU C 80 16.86 4.36 -1.96
N VAL C 81 16.20 3.92 -3.04
CA VAL C 81 16.17 2.50 -3.36
C VAL C 81 17.59 1.98 -3.59
N LEU C 82 18.38 2.75 -4.32
CA LEU C 82 19.75 2.35 -4.59
C LEU C 82 20.60 2.37 -3.31
N GLU C 83 20.37 3.35 -2.44
CA GLU C 83 20.99 3.33 -1.12
C GLU C 83 20.64 2.08 -0.34
N LEU C 84 19.34 1.72 -0.31
CA LEU C 84 18.94 0.48 0.36
C LEU C 84 19.65 -0.71 -0.25
N LYS C 85 19.73 -0.72 -1.58
CA LYS C 85 20.34 -1.83 -2.30
C LYS C 85 21.82 -1.95 -2.00
N ASN C 86 22.52 -0.82 -1.90
CA ASN C 86 23.96 -0.83 -1.74
C ASN C 86 24.42 -0.99 -0.30
N ASN C 87 23.55 -0.74 0.69
CA ASN C 87 24.02 -0.69 2.07
C ASN C 87 23.54 -1.85 2.92
N ASN C 88 22.75 -2.77 2.38
CA ASN C 88 22.24 -3.88 3.18
C ASN C 88 22.42 -5.16 2.37
N LEU C 89 23.56 -5.83 2.56
CA LEU C 89 23.87 -7.02 1.78
C LEU C 89 23.75 -8.25 2.66
N THR C 90 23.36 -9.37 2.06
CA THR C 90 23.23 -10.63 2.77
C THR C 90 23.97 -11.73 1.99
N PRO C 91 24.33 -12.83 2.64
CA PRO C 91 25.11 -13.87 1.95
C PRO C 91 24.38 -14.50 0.77
N VAL C 92 25.10 -14.67 -0.32
CA VAL C 92 24.59 -15.43 -1.46
C VAL C 92 24.82 -16.91 -1.18
N GLU C 93 23.75 -17.71 -1.24
CA GLU C 93 23.85 -19.16 -1.09
C GLU C 93 24.88 -19.73 -2.07
N LYS C 94 25.68 -20.69 -1.60
CA LYS C 94 26.82 -21.15 -2.40
C LYS C 94 26.39 -22.32 -3.30
N ASN C 95 25.58 -21.97 -4.31
CA ASN C 95 25.12 -22.92 -5.32
C ASN C 95 25.47 -22.35 -6.68
N LEU C 96 26.03 -23.21 -7.55
CA LEU C 96 26.17 -22.90 -8.97
C LEU C 96 25.12 -23.71 -9.71
N HIS C 97 24.27 -23.01 -10.49
CA HIS C 97 23.21 -23.65 -11.26
C HIS C 97 23.52 -23.59 -12.75
N PHE C 98 23.59 -24.76 -13.38
CA PHE C 98 23.59 -24.89 -14.83
C PHE C 98 22.30 -25.58 -15.26
N VAL C 99 21.99 -25.47 -16.56
CA VAL C 99 20.80 -26.08 -17.13
C VAL C 99 21.20 -26.80 -18.40
N TRP C 100 20.86 -28.10 -18.51
CA TRP C 100 21.01 -28.82 -19.78
C TRP C 100 19.78 -29.71 -19.97
N ILE C 101 18.83 -29.23 -20.77
CA ILE C 101 17.57 -29.93 -20.99
C ILE C 101 17.45 -30.34 -22.45
N GLY C 102 16.70 -31.43 -22.69
CA GLY C 102 16.22 -31.78 -24.01
C GLY C 102 17.12 -32.67 -24.84
N GLY C 103 18.22 -33.15 -24.28
CA GLY C 103 19.10 -34.08 -24.97
C GLY C 103 20.30 -34.41 -24.12
N GLN C 104 21.18 -35.23 -24.68
CA GLN C 104 22.38 -35.63 -23.94
C GLN C 104 23.34 -34.47 -23.77
N ILE C 105 23.91 -34.35 -22.58
CA ILE C 105 24.90 -33.31 -22.35
C ILE C 105 26.20 -33.72 -23.03
N ASN C 106 26.89 -32.75 -23.64
CA ASN C 106 28.10 -33.13 -24.36
C ASN C 106 29.34 -32.87 -23.51
N ASP C 107 30.45 -33.47 -23.94
CA ASP C 107 31.66 -33.44 -23.14
C ASP C 107 32.21 -32.03 -22.97
N THR C 108 32.03 -31.16 -23.98
CA THR C 108 32.60 -29.82 -23.82
C THR C 108 31.89 -29.03 -22.72
N ALA C 109 30.59 -29.24 -22.55
CA ALA C 109 29.89 -28.63 -21.41
C ALA C 109 30.43 -29.16 -20.09
N ILE C 110 30.58 -30.48 -19.99
CA ILE C 110 31.11 -31.08 -18.75
C ILE C 110 32.48 -30.50 -18.42
N ASN C 111 33.34 -30.38 -19.42
CA ASN C 111 34.68 -29.89 -19.18
C ASN C 111 34.68 -28.45 -18.69
N TYR C 112 33.74 -27.62 -19.17
CA TYR C 112 33.65 -26.25 -18.68
C TYR C 112 33.13 -26.25 -17.24
N ILE C 113 32.04 -26.98 -16.99
CA ILE C 113 31.50 -27.09 -15.64
C ILE C 113 32.57 -27.54 -14.66
N ASN C 114 33.39 -28.51 -15.08
CA ASN C 114 34.44 -29.03 -14.19
C ASN C 114 35.45 -27.96 -13.80
N GLN C 115 35.69 -26.96 -14.65
CA GLN C 115 36.60 -25.88 -14.24
C GLN C 115 36.03 -25.12 -13.05
N TRP C 116 34.73 -24.84 -13.07
CA TRP C 116 34.09 -24.18 -11.93
C TRP C 116 34.17 -25.05 -10.69
N LYS C 117 33.88 -26.35 -10.84
CA LYS C 117 33.96 -27.27 -9.70
C LYS C 117 35.36 -27.25 -9.08
N ASP C 118 36.39 -27.25 -9.92
CA ASP C 118 37.75 -27.43 -9.44
C ASP C 118 38.23 -26.25 -8.61
N VAL C 119 37.75 -25.04 -8.87
CA VAL C 119 38.18 -23.88 -8.11
C VAL C 119 37.10 -23.35 -7.17
N ASN C 120 36.01 -24.09 -6.98
CA ASN C 120 34.96 -23.67 -6.04
C ASN C 120 34.48 -24.86 -5.23
N SER C 121 35.42 -25.47 -4.48
CA SER C 121 35.10 -26.68 -3.75
C SER C 121 34.10 -26.42 -2.63
N ASP C 122 33.89 -25.15 -2.24
CA ASP C 122 32.92 -24.78 -1.22
C ASP C 122 31.54 -24.52 -1.80
N TYR C 123 31.37 -24.68 -3.10
CA TYR C 123 30.09 -24.49 -3.77
C TYR C 123 29.47 -25.83 -4.16
N ASN C 124 28.17 -25.92 -3.94
CA ASN C 124 27.36 -26.99 -4.50
C ASN C 124 27.09 -26.67 -5.97
N VAL C 125 27.02 -27.72 -6.79
CA VAL C 125 26.76 -27.55 -8.23
C VAL C 125 25.53 -28.36 -8.62
N ASN C 126 24.62 -27.73 -9.35
CA ASN C 126 23.47 -28.40 -9.92
C ASN C 126 23.55 -28.28 -11.43
N VAL C 127 23.23 -29.36 -12.14
CA VAL C 127 22.98 -29.32 -13.58
C VAL C 127 21.54 -29.79 -13.75
N PHE C 128 20.62 -28.83 -13.91
CA PHE C 128 19.19 -29.18 -14.02
C PHE C 128 18.93 -29.78 -15.39
N TYR C 129 18.23 -30.91 -15.40
CA TYR C 129 17.86 -31.62 -16.60
C TYR C 129 16.42 -32.05 -16.43
N ASP C 130 15.81 -32.50 -17.52
CA ASP C 130 14.41 -32.92 -17.52
C ASP C 130 14.38 -34.40 -17.89
N SER C 131 14.18 -35.25 -16.89
CA SER C 131 14.20 -36.69 -17.08
C SER C 131 13.09 -37.20 -17.99
N ASN C 132 12.06 -36.40 -18.25
CA ASN C 132 10.96 -36.78 -19.14
C ASN C 132 11.17 -36.37 -20.59
N ALA C 133 12.24 -35.64 -20.92
CA ALA C 133 12.26 -34.94 -22.19
C ALA C 133 13.63 -34.96 -22.84
N PHE C 134 14.37 -36.07 -22.72
CA PHE C 134 15.65 -36.19 -23.39
C PHE C 134 15.53 -36.20 -24.91
N LEU C 135 14.37 -36.45 -25.48
CA LEU C 135 14.27 -36.64 -26.93
C LEU C 135 13.84 -35.39 -27.70
N ILE C 136 13.69 -34.25 -27.05
CA ILE C 136 13.17 -33.07 -27.75
C ILE C 136 14.13 -32.61 -28.84
N ASN C 137 15.43 -32.58 -28.56
CA ASN C 137 16.38 -32.20 -29.62
C ASN C 137 16.31 -33.15 -30.81
N THR C 138 16.21 -34.47 -30.53
CA THR C 138 16.08 -35.46 -31.60
C THR C 138 14.81 -35.22 -32.41
N LEU C 139 13.69 -34.96 -31.74
CA LEU C 139 12.43 -34.69 -32.44
C LEU C 139 12.56 -33.48 -33.35
N LYS C 140 13.10 -32.38 -32.82
CA LYS C 140 13.25 -31.16 -33.62
C LYS C 140 14.16 -31.40 -34.82
N LYS C 141 15.31 -32.03 -34.58
CA LYS C 141 16.25 -32.30 -35.68
C LYS C 141 15.63 -33.20 -36.75
N THR C 142 14.84 -34.19 -36.32
CA THR C 142 14.25 -35.12 -37.28
C THR C 142 13.18 -34.44 -38.14
N VAL C 143 12.31 -33.67 -37.49
CA VAL C 143 11.25 -32.94 -38.19
C VAL C 143 11.85 -31.92 -39.15
N VAL C 144 12.85 -31.17 -38.69
CA VAL C 144 13.42 -30.13 -39.54
C VAL C 144 14.13 -30.73 -40.75
N GLU C 145 14.89 -31.80 -40.52
CA GLU C 145 15.54 -32.52 -41.62
C GLU C 145 14.53 -32.95 -42.68
N SER C 146 13.44 -33.57 -42.25
CA SER C 146 12.40 -33.98 -43.18
C SER C 146 11.74 -32.78 -43.86
N ALA C 147 11.53 -31.69 -43.11
CA ALA C 147 10.94 -30.49 -43.72
C ALA C 147 11.85 -29.89 -44.77
N ILE C 148 13.17 -29.95 -44.55
CA ILE C 148 14.13 -29.47 -45.54
C ILE C 148 13.98 -30.24 -46.84
N ASN C 149 13.96 -31.57 -46.75
CA ASN C 149 13.88 -32.39 -47.96
C ASN C 149 12.52 -32.20 -48.65
N ASP C 150 11.43 -32.16 -47.87
CA ASP C 150 10.12 -31.87 -48.44
C ASP C 150 10.11 -30.53 -49.16
N THR C 151 10.71 -29.51 -48.56
CA THR C 151 10.73 -28.18 -49.17
C THR C 151 11.45 -28.21 -50.51
N LEU C 152 12.64 -28.84 -50.54
CA LEU C 152 13.40 -28.88 -51.79
C LEU C 152 12.66 -29.66 -52.88
N GLU C 153 12.02 -30.77 -52.52
CA GLU C 153 11.24 -31.53 -53.50
C GLU C 153 10.04 -30.75 -54.00
N SER C 154 9.52 -29.84 -53.19
CA SER C 154 8.29 -29.14 -53.56
C SER C 154 8.50 -28.13 -54.66
N PHE C 155 9.76 -27.70 -54.88
CA PHE C 155 9.99 -26.58 -55.77
C PHE C 155 9.71 -26.96 -57.22
N ARG C 156 8.86 -26.16 -57.87
CA ARG C 156 8.59 -26.27 -59.30
C ARG C 156 9.43 -25.32 -60.13
N GLU C 157 10.53 -24.83 -59.56
CA GLU C 157 11.50 -23.99 -60.25
C GLU C 157 12.89 -24.55 -59.97
N ASN C 158 13.87 -24.07 -60.72
CA ASN C 158 15.21 -24.65 -60.68
C ASN C 158 15.94 -24.21 -59.41
N LEU C 159 16.37 -25.20 -58.63
CA LEU C 159 16.96 -24.96 -57.32
C LEU C 159 18.38 -24.42 -57.40
N ASN C 160 19.22 -24.99 -58.26
CA ASN C 160 20.63 -24.61 -58.28
C ASN C 160 20.91 -23.51 -59.31
N ASP C 161 19.89 -22.76 -59.71
CA ASP C 161 20.11 -21.48 -60.36
C ASP C 161 20.97 -20.61 -59.43
N PRO C 162 22.09 -20.07 -59.91
CA PRO C 162 22.99 -19.33 -59.00
C PRO C 162 22.37 -18.05 -58.45
N ARG C 163 21.36 -17.49 -59.10
CA ARG C 163 20.67 -16.31 -58.57
C ARG C 163 19.42 -16.66 -57.77
N PHE C 164 19.25 -17.93 -57.40
CA PHE C 164 18.06 -18.35 -56.68
C PHE C 164 17.93 -17.60 -55.37
N ASP C 165 16.75 -17.02 -55.15
CA ASP C 165 16.40 -16.35 -53.90
C ASP C 165 16.18 -17.40 -52.81
N TYR C 166 17.23 -17.76 -52.07
CA TYR C 166 17.10 -18.80 -51.07
C TYR C 166 16.11 -18.45 -49.97
N ASN C 167 15.67 -17.20 -49.87
CA ASN C 167 14.62 -16.90 -48.90
C ASN C 167 13.31 -17.55 -49.28
N LYS C 168 13.09 -17.84 -50.58
CA LYS C 168 11.96 -18.67 -50.97
C LYS C 168 12.00 -20.02 -50.24
N PHE C 169 13.20 -20.58 -50.09
CA PHE C 169 13.35 -21.84 -49.37
C PHE C 169 12.95 -21.70 -47.90
N PHE C 170 13.43 -20.67 -47.23
CA PHE C 170 13.13 -20.56 -45.80
C PHE C 170 11.66 -20.25 -45.57
N ARG C 171 11.03 -19.50 -46.48
CA ARG C 171 9.61 -19.23 -46.32
C ARG C 171 8.78 -20.49 -46.50
N LYS C 172 9.06 -21.26 -47.57
CA LYS C 172 8.33 -22.50 -47.77
C LYS C 172 8.59 -23.50 -46.64
N ARG C 173 9.85 -23.63 -46.21
CA ARG C 173 10.15 -24.60 -45.17
C ARG C 173 9.41 -24.28 -43.88
N MET C 174 9.23 -22.99 -43.59
CA MET C 174 8.49 -22.59 -42.40
C MET C 174 7.04 -23.05 -42.49
N GLU C 175 6.42 -22.92 -43.67
CA GLU C 175 5.06 -23.43 -43.83
C GLU C 175 4.99 -24.92 -43.53
N ILE C 176 6.02 -25.69 -43.95
CA ILE C 176 5.99 -27.13 -43.76
C ILE C 176 6.31 -27.51 -42.30
N ILE C 177 7.31 -26.84 -41.71
CA ILE C 177 7.63 -27.08 -40.30
C ILE C 177 6.42 -26.81 -39.42
N TYR C 178 5.72 -25.69 -39.68
CA TYR C 178 4.56 -25.36 -38.86
C TYR C 178 3.51 -26.46 -38.91
N ASP C 179 3.25 -27.00 -40.10
CA ASP C 179 2.28 -28.07 -40.24
C ASP C 179 2.72 -29.33 -39.48
N LYS C 180 3.99 -29.71 -39.61
CA LYS C 180 4.51 -30.87 -38.89
C LYS C 180 4.45 -30.66 -37.38
N GLN C 181 4.84 -29.48 -36.92
CA GLN C 181 4.81 -29.17 -35.49
C GLN C 181 3.38 -29.18 -34.96
N LYS C 182 2.45 -28.55 -35.70
CA LYS C 182 1.03 -28.60 -35.33
C LYS C 182 0.54 -30.04 -35.17
N ASN C 183 0.91 -30.92 -36.11
CA ASN C 183 0.52 -32.33 -36.03
C ASN C 183 1.03 -32.97 -34.75
N PHE C 184 2.30 -32.73 -34.39
CA PHE C 184 2.84 -33.31 -33.18
C PHE C 184 2.15 -32.76 -31.94
N ILE C 185 1.91 -31.44 -31.90
CA ILE C 185 1.24 -30.84 -30.75
C ILE C 185 -0.14 -31.46 -30.54
N ASN C 186 -0.89 -31.60 -31.63
CA ASN C 186 -2.21 -32.23 -31.52
C ASN C 186 -2.10 -33.68 -31.05
N TYR C 187 -1.11 -34.41 -31.56
CA TYR C 187 -0.88 -35.77 -31.09
C TYR C 187 -0.49 -35.81 -29.62
N TYR C 188 0.35 -34.87 -29.19
CA TYR C 188 0.77 -34.87 -27.79
C TYR C 188 -0.40 -34.53 -26.87
N LYS C 189 -1.16 -33.48 -27.19
CA LYS C 189 -2.30 -33.07 -26.37
C LYS C 189 -3.32 -34.20 -26.26
N ALA C 190 -3.57 -34.90 -27.37
CA ALA C 190 -4.54 -35.99 -27.34
C ALA C 190 -4.02 -37.16 -26.51
N GLN C 191 -2.74 -37.51 -26.68
CA GLN C 191 -2.18 -38.62 -25.94
C GLN C 191 -2.11 -38.33 -24.44
N ARG C 192 -1.80 -37.08 -24.08
CA ARG C 192 -1.78 -36.71 -22.67
C ARG C 192 -3.15 -36.92 -22.05
N GLU C 193 -4.20 -36.46 -22.74
CA GLU C 193 -5.57 -36.65 -22.25
C GLU C 193 -5.91 -38.14 -22.15
N GLU C 194 -5.68 -38.89 -23.22
CA GLU C 194 -6.08 -40.29 -23.25
C GLU C 194 -5.30 -41.14 -22.24
N ASN C 195 -4.06 -40.77 -21.94
CA ASN C 195 -3.27 -41.51 -20.96
C ASN C 195 -2.40 -40.53 -20.20
N PRO C 196 -2.89 -40.01 -19.06
CA PRO C 196 -2.09 -39.07 -18.26
C PRO C 196 -0.84 -39.68 -17.64
N GLU C 197 -0.65 -41.00 -17.74
CA GLU C 197 0.57 -41.61 -17.22
C GLU C 197 1.74 -41.52 -18.20
N LEU C 198 1.51 -41.12 -19.46
CA LEU C 198 2.59 -41.00 -20.41
C LEU C 198 3.41 -39.74 -20.14
N ILE C 199 4.73 -39.89 -20.21
CA ILE C 199 5.64 -38.77 -20.14
C ILE C 199 6.04 -38.37 -21.56
N ILE C 200 6.62 -37.17 -21.70
CA ILE C 200 6.92 -36.60 -23.01
C ILE C 200 7.71 -37.58 -23.88
N ASP C 201 8.74 -38.22 -23.29
CA ASP C 201 9.61 -39.09 -24.09
C ASP C 201 8.89 -40.34 -24.55
N ASP C 202 7.90 -40.82 -23.79
CA ASP C 202 7.04 -41.89 -24.26
C ASP C 202 6.35 -41.47 -25.55
N ILE C 203 5.70 -40.30 -25.52
CA ILE C 203 4.93 -39.80 -26.65
C ILE C 203 5.85 -39.49 -27.83
N VAL C 204 7.03 -38.93 -27.56
CA VAL C 204 7.95 -38.61 -28.66
C VAL C 204 8.48 -39.89 -29.32
N LYS C 205 8.82 -40.90 -28.51
CA LYS C 205 9.30 -42.18 -29.03
C LYS C 205 8.31 -42.79 -29.99
N THR C 206 7.04 -42.85 -29.59
CA THR C 206 5.99 -43.43 -30.42
C THR C 206 5.77 -42.59 -31.67
N TYR C 207 5.75 -41.26 -31.52
CA TYR C 207 5.58 -40.39 -32.65
C TYR C 207 6.71 -40.55 -33.65
N LEU C 208 7.96 -40.65 -33.18
CA LEU C 208 9.09 -40.75 -34.09
C LEU C 208 9.09 -42.11 -34.80
N SER C 209 8.71 -43.18 -34.09
CA SER C 209 8.68 -44.50 -34.71
C SER C 209 7.59 -44.59 -35.78
N ASN C 210 6.40 -44.07 -35.49
CA ASN C 210 5.30 -44.18 -36.46
C ASN C 210 5.47 -43.22 -37.62
N GLU C 211 5.96 -42.01 -37.36
CA GLU C 211 5.99 -40.96 -38.38
C GLU C 211 7.30 -40.86 -39.12
N TYR C 212 8.41 -41.23 -38.49
CA TYR C 212 9.72 -41.10 -39.13
C TYR C 212 10.53 -42.39 -39.08
N SER C 213 9.88 -43.51 -38.73
CA SER C 213 10.50 -44.83 -38.77
C SER C 213 11.79 -44.90 -37.94
N LYS C 214 11.82 -44.21 -36.81
CA LYS C 214 12.96 -44.32 -35.92
C LYS C 214 12.86 -45.60 -35.10
N GLU C 215 14.02 -46.13 -34.69
CA GLU C 215 14.08 -47.37 -33.92
C GLU C 215 13.94 -47.07 -32.44
N ILE C 216 12.96 -47.72 -31.78
CA ILE C 216 12.74 -47.50 -30.35
C ILE C 216 13.95 -47.95 -29.53
N ASP C 217 14.67 -48.97 -29.99
CA ASP C 217 15.86 -49.44 -29.29
C ASP C 217 16.91 -48.34 -29.20
N GLU C 218 17.15 -47.64 -30.31
CA GLU C 218 18.19 -46.62 -30.32
C GLU C 218 17.79 -45.44 -29.46
N LEU C 219 16.49 -45.14 -29.41
CA LEU C 219 15.99 -44.04 -28.58
C LEU C 219 16.13 -44.39 -27.10
N ASN C 220 15.83 -45.64 -26.75
CA ASN C 220 15.97 -46.07 -25.36
C ASN C 220 17.43 -46.04 -24.91
N THR C 221 18.34 -46.50 -25.77
CA THR C 221 19.76 -46.41 -25.47
C THR C 221 20.18 -44.96 -25.27
N TYR C 222 19.70 -44.06 -26.13
CA TYR C 222 20.04 -42.65 -26.02
C TYR C 222 19.57 -42.09 -24.67
N ILE C 223 18.35 -42.42 -24.29
CA ILE C 223 17.80 -41.92 -23.04
C ILE C 223 18.63 -42.44 -21.87
N GLU C 224 18.99 -43.72 -21.92
CA GLU C 224 19.75 -44.30 -20.81
C GLU C 224 21.14 -43.71 -20.71
N GLU C 225 21.81 -43.53 -21.85
CA GLU C 225 23.11 -42.89 -21.82
C GLU C 225 23.02 -41.43 -21.36
N SER C 226 21.94 -40.74 -21.75
CA SER C 226 21.75 -39.36 -21.32
C SER C 226 21.53 -39.28 -19.82
N LEU C 227 20.66 -40.13 -19.29
CA LEU C 227 20.39 -40.13 -17.86
C LEU C 227 21.64 -40.49 -17.07
N ASN C 228 22.37 -41.52 -17.52
CA ASN C 228 23.58 -41.92 -16.81
C ASN C 228 24.63 -40.85 -16.86
N LYS C 229 24.78 -40.17 -18.00
CA LYS C 229 25.81 -39.15 -18.10
C LYS C 229 25.47 -37.95 -17.22
N ILE C 230 24.19 -37.54 -17.20
CA ILE C 230 23.82 -36.35 -16.42
C ILE C 230 23.89 -36.65 -14.92
N THR C 231 23.49 -37.86 -14.50
CA THR C 231 23.52 -38.15 -13.06
C THR C 231 24.91 -38.47 -12.55
N GLN C 232 25.90 -38.67 -13.42
CA GLN C 232 27.28 -38.70 -12.98
C GLN C 232 27.93 -37.32 -13.02
N ASN C 233 27.15 -36.27 -13.30
CA ASN C 233 27.68 -34.93 -13.44
C ASN C 233 26.73 -33.92 -12.76
N SER C 234 26.31 -34.24 -11.54
CA SER C 234 25.57 -33.33 -10.67
C SER C 234 24.16 -33.03 -11.18
N GLY C 235 23.60 -33.91 -12.00
CA GLY C 235 22.26 -33.68 -12.50
C GLY C 235 21.24 -33.57 -11.38
N ASN C 236 20.24 -32.70 -11.58
CA ASN C 236 19.13 -32.54 -10.67
C ASN C 236 17.87 -32.42 -11.51
N ASP C 237 16.85 -33.25 -11.20
CA ASP C 237 15.71 -33.40 -12.11
C ASP C 237 14.65 -32.32 -11.90
N VAL C 238 14.37 -31.56 -12.96
CA VAL C 238 13.27 -30.60 -13.00
C VAL C 238 11.96 -31.22 -12.54
N ARG C 239 11.77 -32.50 -12.82
CA ARG C 239 10.50 -33.15 -12.52
C ARG C 239 10.28 -33.36 -11.04
N ASN C 240 11.29 -33.10 -10.20
CA ASN C 240 11.15 -33.12 -8.75
C ASN C 240 11.15 -31.73 -8.13
N PHE C 241 11.18 -30.69 -8.96
CA PHE C 241 11.22 -29.28 -8.53
C PHE C 241 9.78 -28.82 -8.32
N GLU C 242 9.28 -29.12 -7.11
CA GLU C 242 7.84 -28.98 -6.88
C GLU C 242 7.38 -27.53 -6.95
N GLU C 243 8.20 -26.60 -6.43
CA GLU C 243 7.83 -25.19 -6.48
C GLU C 243 7.67 -24.72 -7.92
N PHE C 244 8.54 -25.20 -8.81
CA PHE C 244 8.45 -24.85 -10.23
C PHE C 244 7.24 -25.51 -10.87
N LYS C 245 7.06 -26.81 -10.64
CA LYS C 245 5.96 -27.54 -11.28
C LYS C 245 4.61 -26.96 -10.89
N ASN C 246 4.51 -26.38 -9.69
CA ASN C 246 3.24 -25.91 -9.16
C ASN C 246 2.98 -24.44 -9.41
N GLY C 247 3.94 -23.69 -9.95
CA GLY C 247 3.76 -22.28 -10.21
C GLY C 247 3.27 -22.02 -11.63
N GLU C 248 3.04 -20.72 -11.90
CA GLU C 248 2.49 -20.28 -13.18
C GLU C 248 3.51 -20.29 -14.31
N SER C 249 4.77 -20.63 -14.04
CA SER C 249 5.72 -20.70 -15.14
C SER C 249 5.89 -22.10 -15.70
N PHE C 250 5.35 -23.12 -15.02
CA PHE C 250 5.62 -24.47 -15.50
C PHE C 250 4.98 -24.69 -16.86
N ASN C 251 3.77 -24.17 -17.08
CA ASN C 251 3.14 -24.37 -18.38
C ASN C 251 3.85 -23.61 -19.48
N LEU C 252 4.50 -22.48 -19.16
CA LEU C 252 5.28 -21.76 -20.16
C LEU C 252 6.55 -22.54 -20.51
N TYR C 253 7.22 -23.10 -19.49
CA TYR C 253 8.34 -24.02 -19.70
C TYR C 253 7.97 -25.14 -20.67
N GLU C 254 6.83 -25.80 -20.43
CA GLU C 254 6.47 -26.93 -21.29
C GLU C 254 5.96 -26.47 -22.65
N GLN C 255 5.38 -25.26 -22.73
CA GLN C 255 5.05 -24.69 -24.03
C GLN C 255 6.30 -24.60 -24.90
N GLU C 256 7.39 -24.08 -24.34
CA GLU C 256 8.61 -23.96 -25.11
C GLU C 256 9.25 -25.32 -25.36
N LEU C 257 9.22 -26.21 -24.35
CA LEU C 257 9.90 -27.50 -24.45
C LEU C 257 9.20 -28.41 -25.46
N VAL C 258 7.88 -28.53 -25.37
CA VAL C 258 7.13 -29.58 -26.04
C VAL C 258 6.47 -29.07 -27.31
N GLU C 259 5.94 -27.84 -27.28
CA GLU C 259 5.25 -27.30 -28.45
C GLU C 259 6.18 -26.59 -29.42
N ARG C 260 7.12 -25.80 -28.93
CA ARG C 260 7.97 -25.03 -29.82
C ARG C 260 9.38 -25.60 -29.98
N TRP C 261 9.75 -26.57 -29.13
CA TRP C 261 11.08 -27.20 -29.16
C TRP C 261 12.18 -26.16 -29.01
N ASN C 262 11.94 -25.14 -28.19
CA ASN C 262 12.89 -24.06 -28.00
C ASN C 262 13.56 -24.29 -26.66
N LEU C 263 14.66 -25.06 -26.67
CA LEU C 263 15.33 -25.38 -25.41
C LEU C 263 15.96 -24.16 -24.78
N ALA C 264 16.37 -23.19 -25.61
CA ALA C 264 16.92 -21.96 -25.07
C ALA C 264 15.87 -21.19 -24.28
N ALA C 265 14.65 -21.08 -24.82
CA ALA C 265 13.58 -20.38 -24.10
C ALA C 265 13.15 -21.14 -22.86
N ALA C 266 13.03 -22.47 -22.96
CA ALA C 266 12.71 -23.25 -21.78
C ALA C 266 13.75 -23.06 -20.68
N SER C 267 15.03 -23.02 -21.06
CA SER C 267 16.09 -22.80 -20.07
C SER C 267 16.02 -21.38 -19.49
N ASP C 268 15.69 -20.38 -20.32
CA ASP C 268 15.44 -19.03 -19.82
C ASP C 268 14.42 -19.05 -18.68
N ILE C 269 13.31 -19.77 -18.87
CA ILE C 269 12.22 -19.76 -17.90
C ILE C 269 12.65 -20.48 -16.62
N LEU C 270 13.31 -21.62 -16.77
CA LEU C 270 13.71 -22.44 -15.63
C LEU C 270 14.79 -21.76 -14.78
N ARG C 271 15.79 -21.13 -15.42
CA ARG C 271 16.94 -20.63 -14.66
C ARG C 271 16.55 -19.62 -13.59
N ILE C 272 15.63 -18.69 -13.90
CA ILE C 272 15.31 -17.65 -12.92
C ILE C 272 14.40 -18.20 -11.82
N SER C 273 13.60 -19.22 -12.12
CA SER C 273 12.86 -19.88 -11.04
C SER C 273 13.78 -20.68 -10.14
N ALA C 274 14.78 -21.37 -10.73
CA ALA C 274 15.78 -22.04 -9.92
C ALA C 274 16.48 -21.06 -8.99
N LEU C 275 16.90 -19.92 -9.55
CA LEU C 275 17.60 -18.91 -8.74
C LEU C 275 16.71 -18.39 -7.63
N LYS C 276 15.46 -18.03 -7.96
CA LYS C 276 14.53 -17.52 -6.96
C LYS C 276 14.33 -18.51 -5.82
N GLU C 277 14.22 -19.80 -6.13
CA GLU C 277 13.86 -20.73 -5.07
C GLU C 277 15.05 -21.22 -4.25
N ILE C 278 16.27 -21.09 -4.74
CA ILE C 278 17.42 -21.73 -4.09
C ILE C 278 18.48 -20.71 -3.72
N GLY C 279 18.63 -19.69 -4.56
CA GLY C 279 19.72 -18.74 -4.44
C GLY C 279 21.03 -19.27 -5.02
N GLY C 280 21.93 -18.35 -5.30
CA GLY C 280 23.25 -18.70 -5.82
C GLY C 280 23.61 -17.99 -7.10
N MET C 281 24.28 -18.70 -8.00
CA MET C 281 24.73 -18.11 -9.25
C MET C 281 24.35 -19.05 -10.38
N TYR C 282 23.59 -18.53 -11.35
CA TYR C 282 23.29 -19.26 -12.59
C TYR C 282 24.38 -18.96 -13.63
N LEU C 283 24.79 -19.99 -14.37
CA LEU C 283 25.80 -19.86 -15.41
C LEU C 283 25.38 -20.66 -16.65
N ASP C 284 25.51 -20.07 -17.83
CA ASP C 284 25.47 -20.83 -19.07
C ASP C 284 26.69 -21.77 -19.12
N VAL C 285 26.53 -22.93 -19.77
CA VAL C 285 27.61 -23.91 -19.78
C VAL C 285 28.82 -23.48 -20.61
N ASP C 286 28.73 -22.37 -21.34
CA ASP C 286 29.88 -21.88 -22.08
C ASP C 286 30.63 -20.78 -21.34
N MET C 287 30.32 -20.56 -20.06
CA MET C 287 31.06 -19.62 -19.23
C MET C 287 32.16 -20.36 -18.46
N LEU C 288 33.25 -19.66 -18.20
CA LEU C 288 34.40 -20.16 -17.45
C LEU C 288 34.69 -19.25 -16.26
N PRO C 289 35.40 -19.76 -15.23
CA PRO C 289 35.71 -18.93 -14.06
C PRO C 289 36.52 -17.69 -14.45
N GLY C 290 36.41 -16.67 -13.59
CA GLY C 290 37.26 -15.51 -13.76
C GLY C 290 38.72 -15.88 -13.69
N ILE C 291 39.55 -15.17 -14.46
CA ILE C 291 40.98 -15.38 -14.45
C ILE C 291 41.60 -14.61 -13.29
N GLN C 292 42.56 -15.24 -12.62
CA GLN C 292 43.22 -14.61 -11.48
C GLN C 292 43.69 -13.21 -11.89
N PRO C 293 43.28 -12.16 -11.18
CA PRO C 293 43.48 -10.79 -11.71
C PRO C 293 44.93 -10.48 -12.02
N ASP C 294 45.84 -10.80 -11.11
CA ASP C 294 47.25 -10.46 -11.30
C ASP C 294 47.98 -11.42 -12.22
N LEU C 295 47.29 -12.34 -12.89
CA LEU C 295 47.97 -13.36 -13.69
C LEU C 295 48.77 -12.74 -14.82
N PHE C 296 48.10 -11.98 -15.69
CA PHE C 296 48.74 -11.41 -16.86
C PHE C 296 48.87 -9.89 -16.77
N GLU C 297 48.92 -9.34 -15.55
CA GLU C 297 48.99 -7.90 -15.38
C GLU C 297 50.36 -7.32 -15.71
N SER C 298 51.40 -8.15 -15.82
CA SER C 298 52.69 -7.68 -16.29
C SER C 298 52.75 -7.60 -17.81
N ILE C 299 51.90 -8.35 -18.51
CA ILE C 299 51.87 -8.32 -19.96
C ILE C 299 51.00 -7.15 -20.41
N GLU C 300 51.56 -6.24 -21.20
CA GLU C 300 50.80 -5.12 -21.72
C GLU C 300 49.98 -5.57 -22.93
N LYS C 301 48.83 -4.94 -23.08
CA LYS C 301 47.90 -5.30 -24.13
C LYS C 301 48.25 -4.58 -25.43
N PRO C 302 48.46 -5.28 -26.54
CA PRO C 302 48.66 -4.58 -27.81
C PRO C 302 47.38 -3.95 -28.34
N VAL C 305 44.50 -5.48 -31.05
CA VAL C 305 43.04 -5.58 -31.05
C VAL C 305 42.49 -5.09 -29.69
N THR C 306 41.29 -5.55 -29.34
CA THR C 306 40.38 -4.89 -28.40
C THR C 306 40.33 -5.59 -27.04
N VAL C 307 39.53 -5.01 -26.16
CA VAL C 307 39.40 -5.57 -24.80
C VAL C 307 38.91 -7.01 -24.85
N ASP C 308 37.91 -7.28 -25.69
CA ASP C 308 37.41 -8.66 -25.82
C ASP C 308 38.48 -9.59 -26.38
N PHE C 309 39.29 -9.09 -27.33
CA PHE C 309 40.27 -9.95 -27.98
C PHE C 309 41.39 -10.34 -27.03
N TRP C 310 41.89 -9.37 -26.25
CA TRP C 310 42.86 -9.65 -25.19
C TRP C 310 42.33 -10.67 -24.19
N GLU C 311 41.06 -10.56 -23.80
CA GLU C 311 40.50 -11.50 -22.85
C GLU C 311 40.44 -12.91 -23.44
N MET C 312 40.03 -13.00 -24.71
CA MET C 312 39.96 -14.30 -25.37
C MET C 312 41.33 -14.98 -25.45
N THR C 313 42.36 -14.22 -25.83
CA THR C 313 43.68 -14.84 -25.91
C THR C 313 44.24 -15.19 -24.54
N LYS C 314 43.75 -14.58 -23.46
CA LYS C 314 44.13 -15.03 -22.13
C LYS C 314 43.70 -16.48 -21.91
N LEU C 315 42.44 -16.80 -22.22
CA LEU C 315 41.98 -18.18 -22.08
C LEU C 315 42.70 -19.12 -23.02
N GLU C 316 42.94 -18.67 -24.26
CA GLU C 316 43.64 -19.53 -25.20
C GLU C 316 45.05 -19.83 -24.72
N ALA C 317 45.72 -18.84 -24.13
CA ALA C 317 47.05 -19.09 -23.58
C ALA C 317 46.97 -20.16 -22.50
N ILE C 318 46.08 -19.96 -21.53
CA ILE C 318 45.90 -20.92 -20.44
C ILE C 318 45.69 -22.33 -20.99
N MET C 319 44.81 -22.46 -21.98
CA MET C 319 44.45 -23.80 -22.43
C MET C 319 45.51 -24.45 -23.30
N LYS C 320 46.37 -23.65 -23.94
CA LYS C 320 47.46 -24.24 -24.71
C LYS C 320 48.51 -24.85 -23.78
N TYR C 321 48.88 -24.14 -22.72
CA TYR C 321 50.00 -24.53 -21.89
C TYR C 321 49.62 -25.25 -20.61
N LYS C 322 48.32 -25.29 -20.25
CA LYS C 322 47.84 -26.10 -19.14
C LYS C 322 46.93 -27.24 -19.57
N GLU C 323 46.25 -27.13 -20.70
CA GLU C 323 45.47 -28.23 -21.30
C GLU C 323 44.32 -28.71 -20.43
N TYR C 324 43.72 -27.80 -19.65
CA TYR C 324 42.61 -28.18 -18.79
C TYR C 324 41.41 -28.69 -19.59
N ILE C 325 41.16 -28.10 -20.75
CA ILE C 325 40.10 -28.47 -21.67
C ILE C 325 40.78 -28.90 -22.95
N PRO C 326 40.70 -30.16 -23.34
CA PRO C 326 41.31 -30.58 -24.60
C PRO C 326 40.51 -30.02 -25.76
N GLU C 327 41.18 -29.94 -26.91
CA GLU C 327 40.58 -29.45 -28.15
C GLU C 327 40.14 -27.99 -28.07
N TYR C 328 40.62 -27.25 -27.07
CA TYR C 328 40.36 -25.82 -27.01
C TYR C 328 41.19 -25.10 -28.06
N THR C 329 40.60 -24.10 -28.70
CA THR C 329 41.22 -23.41 -29.83
C THR C 329 42.41 -22.57 -29.41
N SER C 330 43.33 -22.37 -30.37
CA SER C 330 44.45 -21.45 -30.20
C SER C 330 44.42 -20.32 -31.23
N GLU C 331 43.41 -20.29 -32.09
CA GLU C 331 43.31 -19.36 -33.23
C GLU C 331 43.83 -17.97 -32.93
N HIS C 332 43.18 -17.26 -32.02
CA HIS C 332 43.54 -15.88 -31.75
C HIS C 332 44.85 -15.75 -30.98
N PHE C 333 45.34 -16.84 -30.38
CA PHE C 333 46.65 -16.86 -29.75
C PHE C 333 47.75 -17.20 -30.76
N ASP C 334 47.52 -18.22 -31.58
CA ASP C 334 48.49 -18.72 -32.55
C ASP C 334 48.87 -17.67 -33.60
N MET C 335 48.27 -16.49 -33.53
CA MET C 335 48.54 -15.42 -34.49
C MET C 335 49.02 -14.16 -33.79
N LEU C 336 49.86 -14.31 -32.77
CA LEU C 336 50.47 -13.18 -32.08
C LEU C 336 51.96 -13.11 -32.38
N ASP C 337 52.56 -12.02 -31.91
CA ASP C 337 54.01 -11.87 -31.92
C ASP C 337 54.65 -12.80 -30.88
N GLU C 338 55.83 -13.32 -31.22
CA GLU C 338 56.46 -14.33 -30.38
C GLU C 338 56.90 -13.76 -29.03
N GLU C 339 57.40 -12.52 -29.03
CA GLU C 339 57.91 -11.94 -27.79
C GLU C 339 56.84 -11.80 -26.71
N VAL C 340 55.56 -11.80 -27.09
CA VAL C 340 54.47 -11.77 -26.13
C VAL C 340 53.80 -13.12 -26.01
N GLN C 341 53.70 -13.85 -27.12
CA GLN C 341 53.21 -15.23 -27.11
C GLN C 341 54.04 -16.11 -26.17
N SER C 342 55.36 -16.08 -26.33
CA SER C 342 56.22 -16.77 -25.38
C SER C 342 56.20 -16.10 -24.01
N SER C 343 55.87 -14.81 -23.94
CA SER C 343 55.70 -14.18 -22.63
C SER C 343 54.48 -14.74 -21.90
N PHE C 344 53.46 -15.19 -22.64
CA PHE C 344 52.36 -15.92 -22.03
C PHE C 344 52.83 -17.27 -21.51
N GLU C 345 53.53 -18.04 -22.36
CA GLU C 345 54.06 -19.33 -21.92
C GLU C 345 54.93 -19.16 -20.69
N SER C 346 55.64 -18.04 -20.58
CA SER C 346 56.56 -17.82 -19.48
C SER C 346 55.81 -17.63 -18.16
N VAL C 347 54.80 -16.75 -18.15
CA VAL C 347 54.00 -16.53 -16.94
C VAL C 347 53.35 -17.83 -16.49
N LEU C 348 52.80 -18.60 -17.44
CA LEU C 348 52.11 -19.83 -17.07
C LEU C 348 53.07 -20.88 -16.52
N ALA C 349 54.33 -20.88 -16.99
CA ALA C 349 55.29 -21.85 -16.48
C ALA C 349 55.56 -21.65 -15.00
N SER C 350 55.41 -20.42 -14.50
CA SER C 350 55.62 -20.11 -13.10
C SER C 350 54.50 -20.62 -12.20
N LYS C 351 53.42 -21.16 -12.77
CA LYS C 351 52.27 -21.63 -12.00
C LYS C 351 52.10 -23.13 -12.15
N SER C 352 51.69 -23.80 -11.08
CA SER C 352 51.43 -25.23 -11.15
C SER C 352 50.01 -25.63 -10.78
N ASP C 353 49.32 -24.85 -9.94
CA ASP C 353 47.97 -25.18 -9.49
C ASP C 353 46.93 -24.36 -10.25
N LYS C 354 45.79 -25.00 -10.54
CA LYS C 354 44.71 -24.32 -11.24
C LYS C 354 44.22 -23.09 -10.47
N SER C 355 44.36 -23.09 -9.14
CA SER C 355 43.91 -21.97 -8.33
C SER C 355 44.79 -20.74 -8.47
N GLU C 356 45.98 -20.85 -9.08
CA GLU C 356 46.74 -19.66 -9.42
C GLU C 356 46.43 -19.17 -10.83
N ILE C 357 45.58 -19.89 -11.56
CA ILE C 357 45.12 -19.49 -12.89
C ILE C 357 43.74 -18.88 -12.84
N PHE C 358 42.79 -19.59 -12.23
CA PHE C 358 41.39 -19.17 -12.12
C PHE C 358 41.12 -18.70 -10.69
N SER C 359 40.39 -17.60 -10.56
CA SER C 359 39.94 -17.16 -9.26
C SER C 359 38.76 -18.00 -8.77
N SER C 360 38.47 -17.88 -7.47
CA SER C 360 37.33 -18.52 -6.81
C SER C 360 36.27 -17.49 -6.47
N LEU C 361 35.01 -17.93 -6.44
CA LEU C 361 33.92 -17.02 -6.10
C LEU C 361 33.97 -16.61 -4.64
N GLY C 362 34.22 -17.56 -3.74
CA GLY C 362 34.34 -17.22 -2.32
C GLY C 362 33.00 -16.80 -1.73
N ASP C 363 33.08 -16.08 -0.60
CA ASP C 363 31.88 -15.56 0.06
C ASP C 363 31.37 -14.35 -0.70
N MET C 364 30.23 -14.49 -1.38
CA MET C 364 29.61 -13.37 -2.05
C MET C 364 28.37 -12.93 -1.27
N GLU C 365 28.03 -11.65 -1.42
CA GLU C 365 26.86 -11.05 -0.81
C GLU C 365 26.19 -10.12 -1.80
N ALA C 366 24.89 -9.88 -1.60
CA ALA C 366 24.10 -9.10 -2.53
C ALA C 366 22.86 -8.61 -1.78
N SER C 367 22.16 -7.65 -2.41
CA SER C 367 20.96 -7.08 -1.78
C SER C 367 19.78 -8.04 -1.90
N PRO C 368 18.98 -8.19 -0.84
CA PRO C 368 17.71 -8.93 -0.98
C PRO C 368 16.76 -8.32 -1.99
N LEU C 369 17.06 -7.13 -2.49
CA LEU C 369 16.25 -6.54 -3.55
C LEU C 369 16.61 -7.02 -4.95
N GLU C 370 17.83 -7.49 -5.18
CA GLU C 370 18.39 -7.47 -6.53
C GLU C 370 18.66 -8.86 -7.10
N VAL C 371 18.78 -8.88 -8.43
CA VAL C 371 19.48 -9.92 -9.18
C VAL C 371 20.57 -9.24 -9.98
N LYS C 372 21.80 -9.75 -9.87
CA LYS C 372 22.89 -9.22 -10.66
C LYS C 372 23.00 -10.01 -11.95
N ILE C 373 23.33 -9.33 -13.04
CA ILE C 373 23.35 -9.92 -14.38
C ILE C 373 24.67 -9.60 -15.07
N ALA C 374 25.11 -10.52 -15.93
CA ALA C 374 26.28 -10.28 -16.76
C ALA C 374 26.00 -9.22 -17.82
N PHE C 375 27.06 -8.53 -18.24
CA PHE C 375 27.04 -7.61 -19.36
C PHE C 375 28.08 -8.04 -20.39
N ASN C 376 27.81 -7.76 -21.66
CA ASN C 376 28.85 -7.84 -22.70
C ASN C 376 28.84 -6.51 -23.45
N SER C 377 29.47 -6.49 -24.63
CA SER C 377 29.57 -5.22 -25.35
C SER C 377 28.21 -4.72 -25.85
N LYS C 378 27.20 -5.59 -25.91
CA LYS C 378 25.90 -5.23 -26.42
C LYS C 378 24.86 -4.99 -25.33
N GLY C 379 25.22 -5.07 -24.05
CA GLY C 379 24.29 -4.81 -22.97
C GLY C 379 24.14 -5.98 -22.02
N ILE C 380 23.01 -6.04 -21.30
CA ILE C 380 22.83 -7.12 -20.34
C ILE C 380 22.64 -8.44 -21.08
N ILE C 381 23.06 -9.53 -20.45
CA ILE C 381 22.89 -10.85 -21.04
C ILE C 381 22.80 -11.86 -19.91
N ASN C 382 21.76 -12.71 -19.95
CA ASN C 382 21.46 -13.59 -18.83
C ASN C 382 22.25 -14.88 -18.86
N GLN C 383 23.50 -14.86 -19.35
CA GLN C 383 24.40 -16.00 -19.28
C GLN C 383 25.06 -16.13 -17.92
N GLY C 384 24.92 -15.11 -17.08
CA GLY C 384 25.34 -15.23 -15.70
C GLY C 384 24.41 -14.40 -14.85
N LEU C 385 24.02 -14.95 -13.70
CA LEU C 385 23.10 -14.30 -12.78
C LEU C 385 23.49 -14.63 -11.34
N ILE C 386 23.35 -13.64 -10.43
CA ILE C 386 23.63 -13.83 -9.01
C ILE C 386 22.44 -13.30 -8.22
N SER C 387 21.96 -14.09 -7.27
CA SER C 387 20.85 -13.65 -6.42
C SER C 387 20.83 -14.42 -5.10
N VAL C 388 20.53 -13.70 -4.00
CA VAL C 388 20.13 -14.44 -2.82
C VAL C 388 18.77 -15.09 -3.06
N LYS C 389 18.51 -16.15 -2.32
CA LYS C 389 17.22 -16.85 -2.42
C LYS C 389 16.06 -15.90 -2.18
N ASP C 390 15.04 -15.98 -3.05
CA ASP C 390 13.79 -15.24 -2.91
C ASP C 390 13.98 -13.72 -2.97
N SER C 391 15.00 -13.25 -3.69
CA SER C 391 15.22 -11.82 -3.83
C SER C 391 14.03 -11.15 -4.51
N TYR C 392 13.82 -9.86 -4.20
CA TYR C 392 12.66 -9.16 -4.75
C TYR C 392 12.72 -9.12 -6.27
N CYS C 393 13.89 -8.85 -6.83
CA CYS C 393 14.01 -8.77 -8.29
C CYS C 393 13.75 -10.11 -8.94
N SER C 394 14.17 -11.20 -8.31
CA SER C 394 13.95 -12.51 -8.94
C SER C 394 12.45 -12.77 -9.10
N ASN C 395 11.66 -12.27 -8.15
CA ASN C 395 10.20 -12.32 -8.30
C ASN C 395 9.72 -11.40 -9.42
N LEU C 396 10.27 -10.19 -9.51
CA LEU C 396 9.89 -9.26 -10.58
C LEU C 396 10.22 -9.83 -11.95
N ILE C 397 11.34 -10.55 -12.05
CA ILE C 397 11.72 -11.15 -13.33
C ILE C 397 10.77 -12.28 -13.70
N VAL C 398 10.50 -13.18 -12.76
CA VAL C 398 9.54 -14.26 -13.01
C VAL C 398 8.21 -13.68 -13.47
N LYS C 399 7.74 -12.61 -12.81
CA LYS C 399 6.45 -12.02 -13.17
C LYS C 399 6.48 -11.34 -14.52
N GLN C 400 7.62 -10.72 -14.88
CA GLN C 400 7.76 -10.13 -16.21
C GLN C 400 7.60 -11.18 -17.30
N ILE C 401 8.26 -12.33 -17.14
CA ILE C 401 8.16 -13.39 -18.15
C ILE C 401 6.73 -13.90 -18.25
N GLU C 402 6.10 -14.12 -17.08
CA GLU C 402 4.73 -14.64 -17.09
C GLU C 402 3.77 -13.65 -17.73
N ASN C 403 3.99 -12.35 -17.49
CA ASN C 403 3.09 -11.37 -18.09
C ASN C 403 3.32 -11.27 -19.61
N ARG C 404 4.58 -11.37 -20.06
CA ARG C 404 4.84 -11.30 -21.48
C ARG C 404 4.25 -12.49 -22.21
N TYR C 405 4.31 -13.67 -21.59
CA TYR C 405 3.63 -14.84 -22.15
C TYR C 405 2.12 -14.71 -22.10
N LYS C 406 1.57 -14.06 -21.08
CA LYS C 406 0.13 -13.88 -21.07
C LYS C 406 -0.33 -13.04 -22.25
N ILE C 407 0.41 -11.97 -22.55
CA ILE C 407 0.11 -11.13 -23.71
C ILE C 407 0.25 -11.93 -24.99
N LEU C 408 1.35 -12.68 -25.10
CA LEU C 408 1.55 -13.51 -26.29
C LEU C 408 0.40 -14.50 -26.47
N ASN C 409 0.12 -15.28 -25.44
CA ASN C 409 -0.82 -16.39 -25.58
C ASN C 409 -2.25 -15.90 -25.75
N ASN C 410 -2.56 -14.71 -25.25
CA ASN C 410 -3.90 -14.16 -25.42
C ASN C 410 -4.24 -13.95 -26.89
N SER C 411 -3.25 -13.59 -27.71
CA SER C 411 -3.44 -13.46 -29.15
C SER C 411 -3.07 -14.71 -29.92
N LEU C 412 -2.08 -15.48 -29.42
CA LEU C 412 -1.61 -16.64 -30.18
C LEU C 412 -2.61 -17.78 -30.10
N ASN C 413 -3.11 -18.10 -28.91
CA ASN C 413 -3.90 -19.32 -28.77
C ASN C 413 -5.20 -19.26 -29.57
N PRO C 414 -5.94 -18.14 -29.62
CA PRO C 414 -7.11 -18.11 -30.51
C PRO C 414 -6.74 -18.29 -31.98
N ALA C 415 -5.65 -17.67 -32.44
CA ALA C 415 -5.24 -17.83 -33.83
C ALA C 415 -4.94 -19.29 -34.14
N ILE C 416 -4.23 -19.98 -33.24
CA ILE C 416 -3.89 -21.38 -33.49
C ILE C 416 -5.13 -22.27 -33.45
N SER C 417 -6.11 -21.95 -32.59
CA SER C 417 -7.32 -22.75 -32.43
C SER C 417 -8.13 -22.89 -33.71
N GLU C 418 -7.99 -21.96 -34.64
CA GLU C 418 -8.71 -22.03 -35.90
C GLU C 418 -8.13 -23.07 -36.85
N ASP C 419 -6.98 -23.66 -36.51
CA ASP C 419 -6.39 -24.78 -37.26
C ASP C 419 -6.17 -24.44 -38.74
N ASN C 420 -5.80 -23.20 -39.01
CA ASN C 420 -5.48 -22.77 -40.36
C ASN C 420 -4.00 -23.04 -40.66
N ASP C 421 -3.59 -22.76 -41.90
CA ASP C 421 -2.20 -22.98 -42.26
C ASP C 421 -1.32 -21.88 -41.64
N PHE C 422 -0.02 -21.99 -41.92
CA PHE C 422 0.93 -21.09 -41.29
C PHE C 422 0.68 -19.63 -41.68
N ASN C 423 0.50 -19.37 -42.97
CA ASN C 423 0.33 -17.99 -43.42
C ASN C 423 -0.94 -17.38 -42.80
N THR C 424 -2.05 -18.12 -42.83
CA THR C 424 -3.29 -17.63 -42.28
C THR C 424 -3.18 -17.44 -40.76
N THR C 425 -2.59 -18.41 -40.07
CA THR C 425 -2.40 -18.28 -38.62
C THR C 425 -1.60 -17.05 -38.27
N THR C 426 -0.49 -16.84 -38.99
CA THR C 426 0.37 -15.68 -38.75
C THR C 426 -0.36 -14.36 -38.93
N ASN C 427 -1.14 -14.24 -40.00
CA ASN C 427 -1.89 -13.00 -40.23
C ASN C 427 -2.92 -12.75 -39.13
N THR C 428 -3.63 -13.79 -38.69
CA THR C 428 -4.61 -13.63 -37.61
C THR C 428 -3.91 -13.21 -36.32
N PHE C 429 -2.78 -13.85 -36.03
CA PHE C 429 -2.01 -13.57 -34.81
C PHE C 429 -1.47 -12.16 -34.81
N ILE C 430 -0.82 -11.75 -35.91
CA ILE C 430 -0.26 -10.41 -36.00
C ILE C 430 -1.36 -9.35 -35.92
N ASP C 431 -2.51 -9.60 -36.56
CA ASP C 431 -3.60 -8.64 -36.47
C ASP C 431 -4.13 -8.53 -35.05
N SER C 432 -4.20 -9.65 -34.33
CA SER C 432 -4.63 -9.58 -32.94
C SER C 432 -3.62 -8.82 -32.08
N ILE C 433 -2.31 -9.07 -32.30
CA ILE C 433 -1.27 -8.37 -31.55
C ILE C 433 -1.31 -6.87 -31.82
N MET C 434 -1.47 -6.48 -33.09
CA MET C 434 -1.37 -5.07 -33.45
C MET C 434 -2.51 -4.27 -32.82
N ALA C 435 -3.67 -4.91 -32.61
CA ALA C 435 -4.81 -4.24 -32.00
C ALA C 435 -4.61 -3.93 -30.52
N GLU C 436 -3.59 -4.52 -29.89
CA GLU C 436 -3.24 -4.22 -28.51
C GLU C 436 -1.96 -3.40 -28.39
N ALA C 437 -1.39 -2.96 -29.50
CA ALA C 437 -0.15 -2.19 -29.47
C ALA C 437 -0.43 -0.73 -29.13
N ASN C 438 0.50 -0.12 -28.41
CA ASN C 438 0.44 1.31 -28.10
C ASN C 438 1.88 1.83 -28.04
N ALA C 439 2.03 3.10 -27.65
CA ALA C 439 3.36 3.70 -27.59
C ALA C 439 4.24 2.99 -26.56
N ASP C 440 3.64 2.57 -25.45
CA ASP C 440 4.41 1.95 -24.37
C ASP C 440 4.93 0.56 -24.74
N ASN C 441 4.22 -0.19 -25.58
CA ASN C 441 4.57 -1.60 -25.78
C ASN C 441 4.88 -1.92 -27.24
N GLY C 442 4.98 -0.90 -28.11
CA GLY C 442 4.98 -1.14 -29.54
C GLY C 442 6.14 -1.99 -30.01
N ARG C 443 7.36 -1.65 -29.57
CA ARG C 443 8.53 -2.42 -29.95
C ARG C 443 8.41 -3.88 -29.53
N PHE C 444 7.95 -4.11 -28.29
CA PHE C 444 7.74 -5.47 -27.80
C PHE C 444 6.71 -6.21 -28.66
N MET C 445 5.59 -5.56 -28.95
CA MET C 445 4.57 -6.22 -29.77
C MET C 445 5.08 -6.53 -31.16
N MET C 446 5.92 -5.66 -31.72
CA MET C 446 6.47 -5.94 -33.05
C MET C 446 7.32 -7.20 -33.03
N GLU C 447 8.14 -7.37 -32.00
CA GLU C 447 8.95 -8.58 -31.93
C GLU C 447 8.12 -9.81 -31.58
N LEU C 448 7.03 -9.65 -30.83
CA LEU C 448 6.17 -10.79 -30.53
C LEU C 448 5.58 -11.39 -31.80
N GLY C 449 5.33 -10.54 -32.81
CA GLY C 449 4.69 -11.02 -34.03
C GLY C 449 5.47 -12.08 -34.78
N LYS C 450 6.76 -12.23 -34.51
CA LYS C 450 7.61 -13.23 -35.14
C LYS C 450 7.71 -14.54 -34.34
N TYR C 451 6.92 -14.72 -33.27
CA TYR C 451 7.09 -15.84 -32.36
C TYR C 451 7.14 -17.20 -33.07
N LEU C 452 6.24 -17.43 -34.02
CA LEU C 452 6.20 -18.77 -34.60
C LEU C 452 7.42 -19.09 -35.46
N ARG C 453 8.17 -18.06 -35.88
CA ARG C 453 9.35 -18.21 -36.69
C ARG C 453 10.62 -18.49 -35.89
N VAL C 454 10.60 -18.31 -34.57
CA VAL C 454 11.78 -18.45 -33.73
C VAL C 454 12.55 -19.74 -34.02
N GLY C 455 13.82 -19.62 -34.37
CA GLY C 455 14.66 -20.80 -34.52
C GLY C 455 14.48 -21.56 -35.82
N PHE C 456 13.55 -21.14 -36.69
CA PHE C 456 13.39 -21.77 -37.99
C PHE C 456 13.60 -20.78 -39.13
N PHE C 457 14.01 -19.54 -38.81
CA PHE C 457 13.92 -18.44 -39.74
C PHE C 457 14.92 -17.38 -39.31
N PRO C 458 15.59 -16.70 -40.24
CA PRO C 458 16.65 -15.76 -39.84
C PRO C 458 16.10 -14.45 -39.30
N ASP C 459 16.93 -13.80 -38.47
CA ASP C 459 16.70 -12.43 -37.98
C ASP C 459 15.43 -12.29 -37.14
N VAL C 460 15.21 -13.26 -36.24
CA VAL C 460 14.06 -13.25 -35.33
C VAL C 460 14.59 -13.08 -33.90
N LYS C 461 14.09 -12.07 -33.18
CA LYS C 461 14.61 -11.65 -31.88
C LYS C 461 13.56 -11.84 -30.76
N THR C 462 12.52 -12.65 -31.01
CA THR C 462 11.41 -12.74 -30.06
C THR C 462 11.85 -13.25 -28.69
N THR C 463 12.72 -14.27 -28.64
CA THR C 463 13.02 -14.90 -27.36
C THR C 463 13.62 -13.89 -26.36
N ILE C 464 14.47 -12.99 -26.86
CA ILE C 464 15.13 -11.98 -26.02
C ILE C 464 14.11 -11.05 -25.36
N ASN C 465 12.97 -10.83 -26.04
CA ASN C 465 11.91 -9.97 -25.55
C ASN C 465 10.91 -10.68 -24.66
N LEU C 466 10.86 -12.00 -24.70
CA LEU C 466 9.87 -12.79 -23.99
C LEU C 466 10.43 -13.37 -22.69
N SER C 467 11.47 -14.20 -22.81
CA SER C 467 12.06 -14.86 -21.65
C SER C 467 13.49 -14.43 -21.36
N GLY C 468 14.10 -13.62 -22.22
CA GLY C 468 15.51 -13.30 -22.14
C GLY C 468 15.75 -11.90 -21.61
N PRO C 469 16.86 -11.28 -22.04
CA PRO C 469 17.35 -10.06 -21.35
C PRO C 469 16.36 -8.90 -21.24
N GLU C 470 15.46 -8.70 -22.21
CA GLU C 470 14.52 -7.59 -22.08
C GLU C 470 13.61 -7.75 -20.86
N ALA C 471 13.31 -8.99 -20.47
CA ALA C 471 12.49 -9.22 -19.29
C ALA C 471 13.22 -8.79 -18.03
N TYR C 472 14.56 -8.91 -18.04
CA TYR C 472 15.37 -8.48 -16.89
C TYR C 472 15.43 -6.96 -16.81
N ALA C 473 15.72 -6.31 -17.94
CA ALA C 473 15.72 -4.86 -17.99
C ALA C 473 14.38 -4.31 -17.52
N ALA C 474 13.29 -4.96 -17.93
CA ALA C 474 11.96 -4.51 -17.53
C ALA C 474 11.72 -4.69 -16.03
N ALA C 475 12.24 -5.78 -15.46
CA ALA C 475 12.10 -5.98 -14.02
C ALA C 475 12.90 -4.95 -13.24
N TYR C 476 14.11 -4.62 -13.73
CA TYR C 476 14.88 -3.57 -13.07
C TYR C 476 14.15 -2.25 -13.14
N GLN C 477 13.49 -1.99 -14.28
CA GLN C 477 12.67 -0.78 -14.38
C GLN C 477 11.47 -0.84 -13.45
N ASP C 478 10.86 -2.00 -13.30
CA ASP C 478 9.80 -2.18 -12.31
C ASP C 478 10.29 -1.79 -10.93
N LEU C 479 11.47 -2.28 -10.55
CA LEU C 479 12.06 -1.95 -9.24
C LEU C 479 12.22 -0.44 -9.07
N LEU C 480 12.91 0.19 -10.01
CA LEU C 480 13.32 1.58 -9.86
C LEU C 480 12.15 2.54 -10.08
N MET C 481 11.10 2.10 -10.75
CA MET C 481 9.94 2.96 -10.97
C MET C 481 8.74 2.54 -10.14
N PHE C 482 8.95 1.65 -9.15
CA PHE C 482 7.92 1.29 -8.17
C PHE C 482 6.64 0.80 -8.83
N LYS C 483 6.78 -0.04 -9.86
CA LYS C 483 5.63 -0.55 -10.57
C LYS C 483 5.89 -2.01 -10.97
N GLU C 484 4.92 -2.59 -11.66
CA GLU C 484 5.15 -3.83 -12.40
C GLU C 484 4.66 -3.62 -13.83
N GLY C 485 5.03 -4.53 -14.72
CA GLY C 485 4.50 -4.47 -16.07
C GLY C 485 5.20 -3.54 -17.03
N SER C 486 6.42 -3.10 -16.71
CA SER C 486 7.17 -2.27 -17.65
C SER C 486 7.29 -2.98 -18.98
N MET C 487 7.11 -2.22 -20.07
CA MET C 487 7.27 -2.75 -21.43
C MET C 487 8.41 -2.03 -22.13
N ASN C 488 8.15 -0.86 -22.71
CA ASN C 488 9.21 0.00 -23.21
C ASN C 488 10.18 0.37 -22.08
N ILE C 489 11.48 0.30 -22.35
CA ILE C 489 12.50 0.53 -21.35
C ILE C 489 13.00 1.97 -21.50
N HIS C 490 12.93 2.74 -20.40
CA HIS C 490 13.51 4.09 -20.34
C HIS C 490 14.85 4.12 -19.65
N LEU C 491 15.20 3.06 -18.91
CA LEU C 491 16.48 3.03 -18.23
C LEU C 491 17.60 3.13 -19.26
N ILE C 492 18.64 3.90 -18.92
CA ILE C 492 19.83 3.97 -19.76
C ILE C 492 20.87 3.00 -19.19
N GLU C 493 22.01 2.86 -19.89
CA GLU C 493 23.00 1.86 -19.47
C GLU C 493 23.46 2.10 -18.04
N ALA C 494 23.60 3.37 -17.64
CA ALA C 494 24.01 3.68 -16.28
C ALA C 494 23.06 3.11 -15.25
N ASP C 495 21.75 3.19 -15.51
CA ASP C 495 20.78 2.61 -14.58
C ASP C 495 20.97 1.10 -14.47
N LEU C 496 21.11 0.41 -15.60
CA LEU C 496 21.21 -1.04 -15.59
C LEU C 496 22.51 -1.50 -14.97
N ARG C 497 23.58 -0.72 -15.09
CA ARG C 497 24.88 -1.11 -14.54
C ARG C 497 24.88 -1.18 -13.02
N ASN C 498 23.86 -0.61 -12.35
CA ASN C 498 23.66 -0.87 -10.92
C ASN C 498 23.55 -2.35 -10.61
N PHE C 499 23.20 -3.17 -11.60
CA PHE C 499 22.93 -4.59 -11.38
C PHE C 499 23.99 -5.49 -12.02
N GLU C 500 25.14 -4.96 -12.38
CA GLU C 500 26.12 -5.78 -13.10
C GLU C 500 26.81 -6.78 -12.18
N ILE C 501 27.11 -7.95 -12.73
CA ILE C 501 28.10 -8.84 -12.14
C ILE C 501 29.49 -8.33 -12.53
N SER C 502 30.37 -8.25 -11.54
CA SER C 502 31.74 -7.82 -11.82
C SER C 502 32.44 -8.78 -12.79
N LYS C 503 33.12 -8.21 -13.78
CA LYS C 503 33.79 -9.06 -14.76
C LYS C 503 34.85 -9.94 -14.13
N THR C 504 35.30 -9.62 -12.91
CA THR C 504 36.29 -10.47 -12.25
C THR C 504 35.74 -11.85 -11.89
N ASN C 505 34.41 -12.02 -11.91
CA ASN C 505 33.80 -13.24 -11.44
C ASN C 505 33.39 -14.20 -12.56
N ILE C 506 33.62 -13.84 -13.81
CA ILE C 506 33.20 -14.69 -14.93
C ILE C 506 34.08 -14.37 -16.15
N SER C 507 34.55 -15.42 -16.83
CA SER C 507 35.21 -15.29 -18.12
C SER C 507 34.19 -15.58 -19.21
N GLN C 508 33.72 -14.55 -19.90
CA GLN C 508 32.69 -14.72 -20.92
C GLN C 508 33.22 -14.95 -22.33
N SER C 509 34.44 -14.55 -22.64
CA SER C 509 34.93 -14.64 -24.02
C SER C 509 35.59 -16.00 -24.26
N THR C 510 34.78 -17.05 -24.16
CA THR C 510 35.24 -18.41 -24.33
C THR C 510 35.01 -18.87 -25.77
N GLU C 511 35.71 -19.94 -26.14
CA GLU C 511 35.53 -20.50 -27.49
C GLU C 511 34.09 -20.93 -27.71
N GLN C 512 33.50 -21.60 -26.71
CA GLN C 512 32.12 -22.05 -26.86
C GLN C 512 31.16 -20.88 -26.91
N GLU C 513 31.44 -19.80 -26.18
CA GLU C 513 30.55 -18.65 -26.22
C GLU C 513 30.53 -18.02 -27.60
N MET C 514 31.69 -17.90 -28.23
CA MET C 514 31.74 -17.30 -29.56
C MET C 514 30.97 -18.13 -30.58
N ALA C 515 31.13 -19.45 -30.55
CA ALA C 515 30.32 -20.32 -31.39
C ALA C 515 28.82 -20.21 -31.09
N SER C 516 28.44 -19.64 -29.94
CA SER C 516 27.04 -19.53 -29.57
C SER C 516 26.43 -18.18 -29.89
N LEU C 517 27.23 -17.18 -30.29
CA LEU C 517 26.70 -15.90 -30.71
C LEU C 517 26.84 -15.65 -32.21
N TRP C 518 27.14 -16.69 -32.99
CA TRP C 518 27.07 -16.63 -34.45
C TRP C 518 25.65 -17.01 -34.85
N SER C 519 24.75 -16.04 -34.71
CA SER C 519 23.31 -16.31 -34.75
C SER C 519 22.82 -16.45 -36.20
N PHE C 520 21.52 -16.73 -36.34
CA PHE C 520 20.86 -16.91 -37.61
C PHE C 520 20.91 -15.64 -38.47
N ASP C 521 22.09 -15.35 -39.02
CA ASP C 521 22.31 -14.20 -39.88
C ASP C 521 21.70 -14.45 -41.25
N ASP C 522 21.84 -13.47 -42.15
CA ASP C 522 21.51 -13.73 -43.55
C ASP C 522 22.61 -14.54 -44.23
N ALA C 523 23.87 -14.34 -43.81
CA ALA C 523 24.95 -15.14 -44.36
C ALA C 523 24.86 -16.59 -43.89
N ARG C 524 24.37 -16.80 -42.67
CA ARG C 524 24.18 -18.17 -42.19
C ARG C 524 23.08 -18.87 -42.98
N ALA C 525 21.96 -18.18 -43.23
CA ALA C 525 20.87 -18.77 -44.00
C ALA C 525 21.35 -19.19 -45.38
N LYS C 526 22.16 -18.36 -46.03
CA LYS C 526 22.66 -18.71 -47.36
C LYS C 526 23.61 -19.90 -47.30
N ALA C 527 24.49 -19.93 -46.29
CA ALA C 527 25.42 -21.04 -46.16
C ALA C 527 24.68 -22.35 -45.87
N GLN C 528 23.64 -22.29 -45.04
CA GLN C 528 22.84 -23.47 -44.77
C GLN C 528 22.16 -23.98 -46.03
N PHE C 529 21.58 -23.08 -46.82
CA PHE C 529 20.92 -23.48 -48.06
C PHE C 529 21.91 -24.15 -49.01
N GLU C 530 23.11 -23.59 -49.13
CA GLU C 530 24.14 -24.26 -49.93
C GLU C 530 24.36 -25.68 -49.44
N GLU C 531 24.42 -25.88 -48.13
CA GLU C 531 24.63 -27.23 -47.60
C GLU C 531 23.46 -28.14 -47.94
N TYR C 532 22.23 -27.65 -47.75
CA TYR C 532 21.05 -28.48 -48.03
C TYR C 532 21.00 -28.87 -49.50
N LYS C 533 21.30 -27.92 -50.40
CA LYS C 533 21.33 -28.22 -51.82
C LYS C 533 22.29 -29.35 -52.13
N ARG C 534 23.50 -29.29 -51.55
CA ARG C 534 24.52 -30.29 -51.82
C ARG C 534 24.05 -31.68 -51.42
N ASN C 535 23.48 -31.82 -50.22
CA ASN C 535 22.94 -33.10 -49.79
C ASN C 535 21.79 -33.54 -50.69
N TYR C 536 20.92 -32.60 -51.06
CA TYR C 536 19.76 -32.94 -51.89
C TYR C 536 20.17 -33.52 -53.23
N PHE C 537 21.20 -32.96 -53.85
CA PHE C 537 21.63 -33.43 -55.16
C PHE C 537 22.49 -34.68 -55.09
N GLU C 538 22.64 -35.26 -53.89
CA GLU C 538 23.14 -36.62 -53.71
C GLU C 538 22.10 -37.53 -53.08
N GLY C 539 20.86 -37.08 -52.96
CA GLY C 539 19.81 -37.88 -52.35
C GLY C 539 20.09 -38.26 -50.91
N SER C 540 20.70 -37.37 -50.14
CA SER C 540 20.85 -37.59 -48.71
C SER C 540 20.20 -36.46 -47.91
N LEU C 541 20.07 -36.71 -46.61
CA LEU C 541 19.37 -35.79 -45.71
C LEU C 541 20.31 -34.89 -44.93
#